data_1GWC
#
_entry.id   1GWC
#
_cell.length_a   87.982
_cell.length_b   152.389
_cell.length_c   146.772
_cell.angle_alpha   90.00
_cell.angle_beta   90.00
_cell.angle_gamma   90.00
#
_symmetry.space_group_name_H-M   'C 2 2 21'
#
loop_
_entity.id
_entity.type
_entity.pdbx_description
1 polymer 'GLUTATHIONE S-TRANSFERASE TSI-1'
2 non-polymer S-HEXYLGLUTATHIONE
3 non-polymer 'SULFATE ION'
4 water water
#
_entity_poly.entity_id   1
_entity_poly.type   'polypeptide(L)'
_entity_poly.pdbx_seq_one_letter_code
;MAGGDDLKLLGAWPSPFVTRVKLALALKGLSYEDVEEDLYKKSELLLKSNPVHKKIPVLIHNGAPVCESMIILQYIDEVF
ASTGPSLLPADPYERAIARFWVAYVDDKLVAPWRQWLRGKTEEEKSEGKKQAFAAVGVLEGALRECSKGGGFFGGDGVGL
VDVALGGVLSWMKVTEALSGDKIFDAAKTPLLAAWVERFIELDAAKAALPDVGRLLEFAKAREAAAAASK
;
_entity_poly.pdbx_strand_id   A,B,C
#
loop_
_chem_comp.id
_chem_comp.type
_chem_comp.name
_chem_comp.formula
GTX non-polymer S-HEXYLGLUTATHIONE 'C16 H30 N3 O6 S 1'
SO4 non-polymer 'SULFATE ION' 'O4 S -2'
#
# COMPACT_ATOMS: atom_id res chain seq x y z
N GLY A 4 -37.92 -11.19 24.50
CA GLY A 4 -36.69 -10.67 23.90
C GLY A 4 -36.85 -10.41 22.41
N ASP A 5 -36.09 -11.14 21.60
CA ASP A 5 -36.16 -11.03 20.17
C ASP A 5 -36.32 -12.36 19.47
N ASP A 6 -37.50 -12.71 18.99
CA ASP A 6 -37.70 -13.90 18.19
C ASP A 6 -37.43 -13.54 16.74
N LEU A 7 -36.71 -14.40 16.09
CA LEU A 7 -36.37 -14.35 14.71
C LEU A 7 -36.78 -15.67 14.09
N LYS A 8 -37.39 -15.54 12.93
CA LYS A 8 -37.83 -16.66 12.10
C LYS A 8 -37.47 -16.28 10.64
N LEU A 9 -36.79 -17.19 9.96
CA LEU A 9 -36.48 -17.00 8.56
C LEU A 9 -37.35 -17.89 7.64
N LEU A 10 -38.13 -17.29 6.74
CA LEU A 10 -38.89 -18.07 5.79
C LEU A 10 -38.00 -18.18 4.53
N GLY A 11 -37.71 -19.39 4.11
CA GLY A 11 -36.87 -19.61 2.98
C GLY A 11 -37.08 -20.98 2.36
N ALA A 12 -36.41 -21.15 1.23
CA ALA A 12 -36.32 -22.46 0.55
C ALA A 12 -34.82 -22.60 0.32
N TRP A 13 -34.29 -23.74 0.74
CA TRP A 13 -32.88 -23.91 0.94
C TRP A 13 -32.08 -23.68 -0.30
N PRO A 14 -32.52 -23.99 -1.48
CA PRO A 14 -31.71 -23.70 -2.66
C PRO A 14 -31.57 -22.26 -2.97
N SER A 15 -32.40 -21.37 -2.49
CA SER A 15 -32.29 -19.99 -2.93
C SER A 15 -31.04 -19.28 -2.44
N PRO A 16 -30.27 -18.66 -3.33
CA PRO A 16 -29.08 -17.92 -2.90
C PRO A 16 -29.40 -16.74 -2.02
N PHE A 17 -30.61 -16.25 -2.14
CA PHE A 17 -31.02 -15.06 -1.42
C PHE A 17 -31.26 -15.42 0.04
N VAL A 18 -31.72 -16.63 0.24
CA VAL A 18 -31.91 -17.15 1.57
C VAL A 18 -30.55 -17.40 2.18
N THR A 19 -29.63 -17.93 1.37
CA THR A 19 -28.33 -18.33 1.85
C THR A 19 -27.68 -17.06 2.38
N ARG A 20 -27.84 -15.96 1.70
CA ARG A 20 -27.24 -14.73 2.25
C ARG A 20 -27.74 -14.42 3.60
N VAL A 21 -29.01 -14.61 3.89
CA VAL A 21 -29.51 -14.17 5.17
C VAL A 21 -29.03 -15.14 6.25
N LYS A 22 -28.96 -16.44 5.92
CA LYS A 22 -28.43 -17.43 6.85
C LYS A 22 -26.98 -17.12 7.18
N LEU A 23 -26.20 -16.66 6.19
CA LEU A 23 -24.81 -16.32 6.49
C LEU A 23 -24.77 -15.18 7.48
N ALA A 24 -25.58 -14.17 7.21
CA ALA A 24 -25.60 -13.02 8.09
C ALA A 24 -25.97 -13.32 9.55
N LEU A 25 -26.99 -14.17 9.72
CA LEU A 25 -27.40 -14.54 11.06
C LEU A 25 -26.32 -15.33 11.75
N ALA A 26 -25.65 -16.20 11.01
CA ALA A 26 -24.65 -17.06 11.57
C ALA A 26 -23.42 -16.20 11.97
N LEU A 27 -23.08 -15.22 11.16
CA LEU A 27 -21.99 -14.31 11.43
C LEU A 27 -22.15 -13.61 12.73
N LYS A 28 -23.37 -13.33 13.12
CA LYS A 28 -23.58 -12.67 14.37
C LYS A 28 -23.89 -13.64 15.45
N GLY A 29 -24.05 -14.91 15.13
CA GLY A 29 -24.38 -15.87 16.19
C GLY A 29 -25.81 -15.72 16.69
N LEU A 30 -26.74 -15.28 15.85
CA LEU A 30 -28.12 -15.04 16.22
C LEU A 30 -28.93 -16.28 16.05
N SER A 31 -29.76 -16.55 17.04
CA SER A 31 -30.49 -17.75 17.00
C SER A 31 -31.84 -17.46 16.35
N TYR A 32 -32.34 -18.35 15.53
CA TYR A 32 -33.60 -18.11 14.91
C TYR A 32 -34.20 -19.41 14.47
N GLU A 33 -35.49 -19.39 14.20
CA GLU A 33 -36.19 -20.58 13.68
C GLU A 33 -36.15 -20.61 12.17
N ASP A 34 -35.59 -21.63 11.54
CA ASP A 34 -35.44 -21.72 10.07
C ASP A 34 -36.63 -22.44 9.54
N VAL A 35 -37.46 -21.78 8.75
CA VAL A 35 -38.69 -22.36 8.31
C VAL A 35 -38.67 -22.57 6.84
N GLU A 36 -39.01 -23.79 6.43
CA GLU A 36 -38.91 -24.13 5.05
C GLU A 36 -40.26 -23.86 4.40
N GLU A 37 -40.25 -23.16 3.26
CA GLU A 37 -41.40 -22.85 2.46
C GLU A 37 -41.33 -23.57 1.14
N ASP A 38 -42.48 -24.08 0.76
CA ASP A 38 -42.66 -24.78 -0.49
C ASP A 38 -43.20 -23.75 -1.41
N LEU A 39 -42.51 -23.47 -2.48
CA LEU A 39 -42.94 -22.45 -3.39
C LEU A 39 -44.10 -22.82 -4.32
N TYR A 40 -44.53 -24.09 -4.32
CA TYR A 40 -45.74 -24.46 -5.00
C TYR A 40 -46.90 -24.57 -4.04
N LYS A 41 -46.64 -24.36 -2.76
CA LYS A 41 -47.72 -24.36 -1.75
C LYS A 41 -47.32 -23.46 -0.58
N LYS A 42 -47.27 -22.16 -0.86
CA LYS A 42 -46.80 -21.22 0.14
C LYS A 42 -47.68 -21.15 1.33
N SER A 43 -47.05 -21.02 2.47
CA SER A 43 -47.78 -20.89 3.70
C SER A 43 -48.43 -19.52 3.78
N GLU A 44 -49.53 -19.53 4.52
CA GLU A 44 -50.25 -18.33 4.87
C GLU A 44 -49.27 -17.34 5.51
N LEU A 45 -48.36 -17.80 6.36
CA LEU A 45 -47.47 -16.88 7.01
C LEU A 45 -46.59 -16.21 5.92
N LEU A 46 -46.16 -16.95 4.89
CA LEU A 46 -45.37 -16.36 3.84
C LEU A 46 -46.17 -15.40 3.02
N LEU A 47 -47.38 -15.81 2.65
CA LEU A 47 -48.20 -15.00 1.79
C LEU A 47 -48.62 -13.75 2.49
N LYS A 48 -48.82 -13.78 3.81
CA LYS A 48 -49.16 -12.58 4.56
C LYS A 48 -47.93 -11.73 4.93
N SER A 49 -46.77 -12.31 5.00
CA SER A 49 -45.58 -11.57 5.36
C SER A 49 -44.99 -10.89 4.15
N ASN A 50 -45.09 -11.48 2.96
CA ASN A 50 -44.58 -10.79 1.75
C ASN A 50 -45.69 -10.82 0.67
N PRO A 51 -46.81 -10.13 0.86
CA PRO A 51 -47.89 -10.22 -0.11
C PRO A 51 -47.50 -9.60 -1.42
N VAL A 52 -46.53 -8.70 -1.41
CA VAL A 52 -46.26 -8.02 -2.62
C VAL A 52 -45.51 -8.89 -3.62
N HIS A 53 -44.51 -9.63 -3.20
CA HIS A 53 -43.83 -10.49 -4.16
C HIS A 53 -44.05 -11.99 -3.91
N LYS A 54 -44.41 -12.34 -2.67
CA LYS A 54 -44.60 -13.71 -2.30
C LYS A 54 -43.38 -14.42 -2.50
N LYS A 55 -42.28 -13.77 -2.19
CA LYS A 55 -41.02 -14.46 -2.30
C LYS A 55 -40.27 -14.61 -0.97
N ILE A 56 -39.30 -15.53 -0.98
CA ILE A 56 -38.39 -15.66 0.15
C ILE A 56 -37.09 -15.09 -0.32
N PRO A 57 -36.21 -14.70 0.59
CA PRO A 57 -36.35 -14.90 2.02
C PRO A 57 -37.21 -13.84 2.61
N VAL A 58 -37.73 -14.17 3.76
CA VAL A 58 -38.41 -13.19 4.60
C VAL A 58 -37.93 -13.39 5.99
N LEU A 59 -37.45 -12.34 6.64
CA LEU A 59 -37.05 -12.48 8.01
C LEU A 59 -38.19 -11.95 8.82
N ILE A 60 -38.55 -12.62 9.91
CA ILE A 60 -39.57 -12.14 10.77
C ILE A 60 -39.00 -11.92 12.13
N HIS A 61 -39.11 -10.71 12.58
CA HIS A 61 -38.54 -10.32 13.83
C HIS A 61 -39.63 -9.82 14.76
N ASN A 62 -39.89 -10.63 15.78
CA ASN A 62 -40.95 -10.37 16.74
C ASN A 62 -42.27 -10.24 16.01
N GLY A 63 -42.46 -11.12 15.06
CA GLY A 63 -43.67 -11.08 14.27
C GLY A 63 -43.58 -10.11 13.05
N ALA A 64 -42.60 -9.23 12.99
CA ALA A 64 -42.64 -8.27 11.84
C ALA A 64 -41.74 -8.70 10.66
N PRO A 65 -42.28 -8.69 9.44
CA PRO A 65 -41.48 -9.14 8.30
C PRO A 65 -40.56 -8.17 7.66
N VAL A 66 -39.41 -8.65 7.22
CA VAL A 66 -38.49 -7.85 6.43
C VAL A 66 -38.13 -8.73 5.24
N CYS A 67 -38.26 -8.15 4.06
CA CYS A 67 -38.01 -8.80 2.82
C CYS A 67 -36.84 -8.22 2.10
N GLU A 68 -36.38 -8.99 1.10
CA GLU A 68 -35.25 -8.70 0.25
C GLU A 68 -33.93 -8.94 0.98
N SER A 69 -33.19 -9.93 0.49
CA SER A 69 -31.99 -10.40 1.12
C SER A 69 -31.08 -9.23 1.60
N MET A 70 -30.77 -8.28 0.73
CA MET A 70 -29.78 -7.25 1.12
C MET A 70 -30.34 -6.25 2.08
N ILE A 71 -31.64 -6.06 2.04
CA ILE A 71 -32.30 -5.21 2.98
C ILE A 71 -32.36 -5.87 4.37
N ILE A 72 -32.69 -7.13 4.39
CA ILE A 72 -32.65 -7.92 5.61
C ILE A 72 -31.24 -7.83 6.24
N LEU A 73 -30.20 -7.98 5.41
CA LEU A 73 -28.83 -7.95 5.95
C LEU A 73 -28.52 -6.63 6.68
N GLN A 74 -28.97 -5.54 6.12
CA GLN A 74 -28.74 -4.25 6.76
C GLN A 74 -29.65 -4.08 7.93
N TYR A 75 -30.86 -4.67 7.86
CA TYR A 75 -31.76 -4.57 9.02
C TYR A 75 -31.10 -5.27 10.23
N ILE A 76 -30.53 -6.45 10.00
CA ILE A 76 -29.81 -7.15 11.05
C ILE A 76 -28.59 -6.37 11.58
N ASP A 77 -27.93 -5.70 10.66
CA ASP A 77 -26.73 -4.96 10.98
C ASP A 77 -27.05 -3.86 11.92
N GLU A 78 -28.16 -3.22 11.70
CA GLU A 78 -28.57 -2.05 12.46
C GLU A 78 -29.20 -2.42 13.78
N VAL A 79 -30.06 -3.43 13.77
CA VAL A 79 -30.79 -3.81 14.97
C VAL A 79 -29.90 -4.55 15.93
N PHE A 80 -29.01 -5.39 15.42
CA PHE A 80 -28.23 -6.19 16.32
C PHE A 80 -26.79 -5.69 16.37
N ALA A 81 -26.61 -4.38 16.32
CA ALA A 81 -25.28 -3.78 16.26
C ALA A 81 -24.40 -4.18 17.39
N SER A 82 -25.00 -4.38 18.54
CA SER A 82 -24.23 -4.66 19.71
C SER A 82 -23.88 -6.14 19.77
N THR A 83 -24.36 -6.94 18.83
CA THR A 83 -24.08 -8.36 18.81
C THR A 83 -23.19 -8.78 17.64
N GLY A 84 -21.97 -9.22 17.90
CA GLY A 84 -21.11 -9.75 16.87
C GLY A 84 -20.62 -8.66 15.96
N PRO A 85 -19.92 -9.00 14.91
CA PRO A 85 -19.46 -8.00 13.94
C PRO A 85 -20.53 -7.45 13.01
N SER A 86 -20.24 -6.29 12.45
CA SER A 86 -21.11 -5.61 11.48
C SER A 86 -20.62 -5.92 10.08
N LEU A 87 -21.56 -6.03 9.18
CA LEU A 87 -21.36 -6.16 7.78
C LEU A 87 -21.01 -4.82 7.17
N LEU A 88 -21.49 -3.76 7.75
CA LEU A 88 -21.16 -2.44 7.24
C LEU A 88 -20.20 -1.68 8.07
N PRO A 89 -19.34 -1.01 7.37
CA PRO A 89 -18.42 -0.08 8.01
C PRO A 89 -19.21 1.03 8.66
N ALA A 90 -18.52 1.65 9.58
CA ALA A 90 -18.91 2.86 10.24
C ALA A 90 -18.95 4.08 9.31
N ASP A 91 -17.88 4.27 8.58
CA ASP A 91 -17.78 5.44 7.74
C ASP A 91 -18.78 5.51 6.55
N PRO A 92 -19.47 6.61 6.44
CA PRO A 92 -20.42 6.79 5.33
C PRO A 92 -19.83 6.57 3.90
N TYR A 93 -18.59 6.94 3.65
CA TYR A 93 -18.01 6.74 2.33
C TYR A 93 -17.88 5.25 2.03
N GLU A 94 -17.34 4.56 3.01
CA GLU A 94 -17.11 3.15 2.94
C GLU A 94 -18.40 2.41 2.84
N ARG A 95 -19.42 2.90 3.51
CA ARG A 95 -20.71 2.25 3.34
C ARG A 95 -21.23 2.39 1.91
N ALA A 96 -21.12 3.57 1.33
CA ALA A 96 -21.51 3.78 -0.07
C ALA A 96 -20.76 2.88 -1.03
N ILE A 97 -19.48 2.72 -0.78
CA ILE A 97 -18.75 1.93 -1.68
C ILE A 97 -19.26 0.48 -1.59
N ALA A 98 -19.51 0.01 -0.39
CA ALA A 98 -19.96 -1.37 -0.20
C ALA A 98 -21.31 -1.56 -0.90
N ARG A 99 -22.18 -0.62 -0.72
CA ARG A 99 -23.50 -0.72 -1.39
C ARG A 99 -23.35 -0.71 -2.93
N PHE A 100 -22.35 0.01 -3.37
CA PHE A 100 -22.05 0.04 -4.79
C PHE A 100 -21.73 -1.32 -5.30
N TRP A 101 -20.90 -2.03 -4.57
CA TRP A 101 -20.47 -3.33 -5.08
C TRP A 101 -21.56 -4.41 -4.90
N VAL A 102 -22.43 -4.26 -3.90
CA VAL A 102 -23.50 -5.16 -3.73
C VAL A 102 -24.35 -5.00 -4.99
N ALA A 103 -24.59 -3.78 -5.38
CA ALA A 103 -25.43 -3.56 -6.54
C ALA A 103 -24.79 -4.12 -7.79
N TYR A 104 -23.50 -3.99 -7.88
CA TYR A 104 -22.80 -4.55 -8.99
C TYR A 104 -23.03 -6.05 -9.03
N VAL A 105 -22.96 -6.69 -7.87
CA VAL A 105 -23.07 -8.12 -7.82
C VAL A 105 -24.43 -8.56 -8.33
N ASP A 106 -25.46 -7.95 -7.74
CA ASP A 106 -26.84 -8.19 -8.21
C ASP A 106 -27.06 -7.90 -9.66
N ASP A 107 -26.63 -6.78 -10.15
CA ASP A 107 -26.98 -6.44 -11.50
C ASP A 107 -26.08 -6.93 -12.62
N LYS A 108 -24.78 -7.14 -12.37
CA LYS A 108 -23.86 -7.40 -13.47
C LYS A 108 -23.37 -8.80 -13.42
N LEU A 109 -23.53 -9.41 -12.23
CA LEU A 109 -23.20 -10.83 -12.02
C LEU A 109 -24.39 -11.77 -11.89
N VAL A 110 -25.25 -11.56 -10.92
CA VAL A 110 -26.32 -12.48 -10.65
C VAL A 110 -27.38 -12.50 -11.74
N ALA A 111 -27.80 -11.34 -12.18
CA ALA A 111 -28.71 -11.30 -13.29
C ALA A 111 -28.22 -11.98 -14.60
N PRO A 112 -27.04 -11.69 -15.10
CA PRO A 112 -26.62 -12.39 -16.30
C PRO A 112 -26.38 -13.84 -16.05
N TRP A 113 -26.07 -14.20 -14.81
CA TRP A 113 -25.82 -15.59 -14.54
C TRP A 113 -27.17 -16.32 -14.63
N ARG A 114 -28.20 -15.71 -14.10
CA ARG A 114 -29.53 -16.27 -14.19
C ARG A 114 -30.02 -16.52 -15.63
N GLN A 115 -29.67 -15.56 -16.48
CA GLN A 115 -29.96 -15.62 -17.89
C GLN A 115 -29.14 -16.75 -18.50
N TRP A 116 -27.86 -16.85 -18.19
CA TRP A 116 -27.12 -17.98 -18.67
C TRP A 116 -27.87 -19.25 -18.35
N LEU A 117 -28.38 -19.38 -17.13
CA LEU A 117 -29.02 -20.60 -16.74
C LEU A 117 -30.44 -20.80 -17.17
N ARG A 118 -31.27 -19.77 -17.21
CA ARG A 118 -32.66 -20.03 -17.51
C ARG A 118 -32.97 -19.19 -18.69
N GLY A 119 -32.01 -19.05 -19.57
CA GLY A 119 -32.30 -18.22 -20.71
C GLY A 119 -33.10 -19.07 -21.69
N LYS A 120 -33.90 -18.42 -22.54
CA LYS A 120 -34.80 -19.10 -23.48
C LYS A 120 -34.13 -19.50 -24.81
N THR A 121 -33.53 -18.53 -25.47
CA THR A 121 -32.81 -18.75 -26.72
C THR A 121 -31.34 -19.01 -26.41
N GLU A 122 -30.64 -19.78 -27.23
CA GLU A 122 -29.25 -20.08 -26.95
C GLU A 122 -28.36 -18.83 -26.93
N GLU A 123 -28.68 -17.86 -27.75
CA GLU A 123 -27.93 -16.60 -27.79
C GLU A 123 -28.01 -15.99 -26.40
N GLU A 124 -29.22 -15.96 -25.86
CA GLU A 124 -29.46 -15.43 -24.53
C GLU A 124 -28.57 -16.16 -23.50
N LYS A 125 -28.62 -17.48 -23.47
CA LYS A 125 -27.76 -18.22 -22.57
C LYS A 125 -26.32 -17.71 -22.71
N SER A 126 -25.91 -17.46 -23.94
CA SER A 126 -24.52 -17.13 -24.25
C SER A 126 -24.12 -15.70 -23.88
N GLU A 127 -25.08 -14.81 -23.95
CA GLU A 127 -24.82 -13.43 -23.59
C GLU A 127 -24.69 -13.32 -22.06
N GLY A 128 -25.58 -13.99 -21.35
CA GLY A 128 -25.53 -14.03 -19.89
C GLY A 128 -24.17 -14.49 -19.44
N LYS A 129 -23.77 -15.58 -20.03
CA LYS A 129 -22.50 -16.18 -19.70
C LYS A 129 -21.41 -15.16 -19.88
N LYS A 130 -21.39 -14.55 -21.06
CA LYS A 130 -20.38 -13.59 -21.39
C LYS A 130 -20.31 -12.48 -20.35
N GLN A 131 -21.46 -11.97 -19.97
CA GLN A 131 -21.57 -10.84 -19.08
C GLN A 131 -21.11 -11.22 -17.68
N ALA A 132 -21.49 -12.41 -17.26
CA ALA A 132 -21.11 -12.94 -15.98
C ALA A 132 -19.62 -13.02 -15.84
N PHE A 133 -18.98 -13.54 -16.88
CA PHE A 133 -17.57 -13.57 -16.86
C PHE A 133 -16.90 -12.21 -16.83
N ALA A 134 -17.39 -11.25 -17.60
CA ALA A 134 -16.81 -9.91 -17.55
C ALA A 134 -17.02 -9.34 -16.15
N ALA A 135 -18.16 -9.63 -15.52
CA ALA A 135 -18.35 -9.05 -14.21
C ALA A 135 -17.35 -9.60 -13.19
N VAL A 136 -17.08 -10.88 -13.29
CA VAL A 136 -16.16 -11.46 -12.36
C VAL A 136 -14.80 -10.81 -12.48
N GLY A 137 -14.34 -10.46 -13.68
CA GLY A 137 -13.07 -9.79 -13.84
C GLY A 137 -13.07 -8.41 -13.19
N VAL A 138 -14.19 -7.74 -13.19
CA VAL A 138 -14.27 -6.47 -12.54
C VAL A 138 -14.30 -6.65 -10.99
N LEU A 139 -15.01 -7.66 -10.52
CA LEU A 139 -15.02 -7.91 -9.07
C LEU A 139 -13.66 -8.24 -8.44
N GLU A 140 -12.84 -8.88 -9.22
CA GLU A 140 -11.48 -9.15 -8.85
C GLU A 140 -10.74 -7.83 -8.55
N GLY A 141 -10.87 -6.82 -9.39
CA GLY A 141 -10.22 -5.55 -9.14
C GLY A 141 -10.80 -4.93 -7.88
N ALA A 142 -12.08 -5.13 -7.62
CA ALA A 142 -12.62 -4.57 -6.38
C ALA A 142 -12.03 -5.25 -5.13
N LEU A 143 -11.83 -6.54 -5.23
CA LEU A 143 -11.29 -7.24 -4.09
C LEU A 143 -9.85 -6.77 -3.86
N ARG A 144 -9.12 -6.50 -4.95
CA ARG A 144 -7.74 -6.13 -4.88
C ARG A 144 -7.61 -4.85 -4.06
N GLU A 145 -8.53 -3.98 -4.27
CA GLU A 145 -8.54 -2.71 -3.62
C GLU A 145 -9.18 -2.71 -2.21
N CYS A 146 -10.03 -3.67 -1.88
CA CYS A 146 -10.73 -3.70 -0.59
C CYS A 146 -10.11 -4.65 0.43
N SER A 147 -9.35 -5.63 -0.01
CA SER A 147 -8.74 -6.54 0.92
C SER A 147 -7.85 -5.90 2.00
N LYS A 148 -7.00 -4.97 1.62
CA LYS A 148 -6.07 -4.35 2.54
C LYS A 148 -5.34 -5.32 3.45
N GLY A 149 -5.01 -6.47 2.87
CA GLY A 149 -4.38 -7.51 3.58
C GLY A 149 -5.24 -8.40 4.44
N GLY A 150 -6.55 -8.24 4.56
CA GLY A 150 -7.37 -9.13 5.38
C GLY A 150 -8.04 -10.14 4.48
N GLY A 151 -8.14 -9.89 3.19
CA GLY A 151 -8.60 -10.92 2.31
C GLY A 151 -10.08 -10.92 1.94
N PHE A 152 -10.85 -10.03 2.51
CA PHE A 152 -12.26 -9.98 2.25
C PHE A 152 -12.58 -8.67 1.62
N PHE A 153 -13.77 -8.63 1.03
CA PHE A 153 -14.23 -7.38 0.44
C PHE A 153 -14.40 -6.44 1.59
N GLY A 154 -14.62 -6.98 2.78
CA GLY A 154 -14.71 -6.11 3.94
C GLY A 154 -13.39 -5.80 4.63
N GLY A 155 -12.25 -6.06 4.03
CA GLY A 155 -10.96 -5.88 4.70
C GLY A 155 -10.59 -7.10 5.55
N ASP A 156 -10.43 -6.88 6.83
CA ASP A 156 -10.07 -7.92 7.78
C ASP A 156 -11.23 -8.81 8.21
N GLY A 157 -12.48 -8.37 7.99
CA GLY A 157 -13.66 -9.12 8.40
C GLY A 157 -14.64 -9.26 7.24
N VAL A 158 -15.58 -10.18 7.36
CA VAL A 158 -16.57 -10.37 6.37
C VAL A 158 -17.47 -9.18 6.32
N GLY A 159 -17.69 -8.65 5.12
CA GLY A 159 -18.54 -7.51 4.95
C GLY A 159 -19.76 -7.84 4.11
N LEU A 160 -20.51 -6.78 3.90
CA LEU A 160 -21.70 -6.85 3.09
C LEU A 160 -21.42 -7.44 1.74
N VAL A 161 -20.34 -6.96 1.08
CA VAL A 161 -20.12 -7.46 -0.29
C VAL A 161 -19.80 -8.95 -0.21
N ASP A 162 -19.03 -9.33 0.78
CA ASP A 162 -18.66 -10.75 0.89
C ASP A 162 -19.90 -11.59 1.02
N VAL A 163 -20.87 -11.13 1.79
CA VAL A 163 -22.03 -11.93 1.94
C VAL A 163 -22.86 -11.93 0.72
N ALA A 164 -22.96 -10.78 0.07
CA ALA A 164 -23.75 -10.70 -1.11
C ALA A 164 -23.32 -11.70 -2.14
N LEU A 165 -22.02 -11.73 -2.37
CA LEU A 165 -21.45 -12.68 -3.31
C LEU A 165 -21.45 -14.13 -2.76
N GLY A 166 -21.06 -14.25 -1.48
CA GLY A 166 -20.94 -15.51 -0.82
C GLY A 166 -22.21 -16.31 -0.94
N GLY A 167 -23.34 -15.65 -0.91
CA GLY A 167 -24.59 -16.39 -0.98
C GLY A 167 -24.79 -17.23 -2.23
N VAL A 168 -24.14 -16.86 -3.31
CA VAL A 168 -24.32 -17.60 -4.53
C VAL A 168 -23.27 -18.60 -4.78
N LEU A 169 -22.41 -18.85 -3.82
CA LEU A 169 -21.29 -19.73 -4.09
C LEU A 169 -21.70 -21.20 -4.29
N SER A 170 -22.70 -21.69 -3.59
CA SER A 170 -23.09 -23.05 -3.90
C SER A 170 -23.59 -23.10 -5.37
N TRP A 171 -24.37 -22.14 -5.77
CA TRP A 171 -24.85 -22.14 -7.13
C TRP A 171 -23.73 -22.03 -8.14
N MET A 172 -22.65 -21.36 -7.78
CA MET A 172 -21.54 -21.22 -8.74
C MET A 172 -20.89 -22.60 -8.96
N LYS A 173 -20.73 -23.35 -7.88
CA LYS A 173 -20.12 -24.65 -8.01
C LYS A 173 -21.06 -25.53 -8.86
N VAL A 174 -22.37 -25.47 -8.58
CA VAL A 174 -23.31 -26.20 -9.37
C VAL A 174 -23.18 -25.79 -10.82
N THR A 175 -22.99 -24.51 -11.09
CA THR A 175 -22.92 -24.07 -12.48
C THR A 175 -21.70 -24.65 -13.17
N GLU A 176 -20.62 -24.78 -12.43
CA GLU A 176 -19.38 -25.30 -13.00
C GLU A 176 -19.70 -26.73 -13.41
N ALA A 177 -20.33 -27.50 -12.54
CA ALA A 177 -20.65 -28.88 -12.85
C ALA A 177 -21.59 -29.03 -14.04
N LEU A 178 -22.51 -28.14 -14.24
CA LEU A 178 -23.40 -28.28 -15.35
C LEU A 178 -22.78 -27.82 -16.65
N SER A 179 -21.97 -26.79 -16.60
CA SER A 179 -21.50 -26.18 -17.84
C SER A 179 -20.13 -26.68 -18.25
N GLY A 180 -19.29 -27.09 -17.32
CA GLY A 180 -17.91 -27.36 -17.61
C GLY A 180 -17.03 -26.11 -17.43
N ASP A 181 -17.62 -24.96 -17.15
CA ASP A 181 -16.89 -23.71 -17.02
C ASP A 181 -16.61 -23.26 -15.58
N LYS A 182 -15.38 -22.83 -15.31
CA LYS A 182 -15.05 -22.34 -13.98
C LYS A 182 -15.24 -20.82 -13.85
N ILE A 183 -16.20 -20.41 -13.02
CA ILE A 183 -16.56 -19.02 -12.96
C ILE A 183 -15.44 -18.15 -12.35
N PHE A 184 -14.83 -18.63 -11.28
CA PHE A 184 -13.77 -17.88 -10.65
C PHE A 184 -12.47 -18.54 -11.06
N ASP A 185 -12.24 -18.79 -12.33
CA ASP A 185 -11.00 -19.42 -12.76
C ASP A 185 -9.73 -18.68 -12.26
N ALA A 186 -8.97 -19.33 -11.41
CA ALA A 186 -7.74 -18.77 -10.89
C ALA A 186 -6.83 -18.14 -11.92
N ALA A 187 -6.73 -18.72 -13.12
CA ALA A 187 -5.85 -18.20 -14.14
C ALA A 187 -6.26 -16.81 -14.60
N LYS A 188 -7.55 -16.58 -14.57
CA LYS A 188 -8.07 -15.25 -14.91
C LYS A 188 -8.31 -14.36 -13.69
N THR A 189 -8.78 -15.00 -12.59
CA THR A 189 -9.23 -14.29 -11.40
C THR A 189 -8.74 -15.00 -10.16
N PRO A 190 -7.44 -14.92 -9.98
CA PRO A 190 -6.79 -15.54 -8.83
C PRO A 190 -7.26 -14.98 -7.53
N LEU A 191 -7.43 -13.66 -7.39
CA LEU A 191 -7.88 -13.13 -6.10
C LEU A 191 -9.25 -13.72 -5.76
N LEU A 192 -10.16 -13.82 -6.71
CA LEU A 192 -11.51 -14.29 -6.40
C LEU A 192 -11.49 -15.78 -6.15
N ALA A 193 -10.67 -16.51 -6.86
CA ALA A 193 -10.59 -17.96 -6.61
C ALA A 193 -10.13 -18.23 -5.18
N ALA A 194 -9.13 -17.47 -4.71
CA ALA A 194 -8.67 -17.61 -3.32
C ALA A 194 -9.71 -17.07 -2.29
N TRP A 195 -10.43 -16.03 -2.63
CA TRP A 195 -11.50 -15.51 -1.77
C TRP A 195 -12.57 -16.60 -1.61
N VAL A 196 -12.89 -17.31 -2.66
CA VAL A 196 -13.88 -18.40 -2.52
C VAL A 196 -13.40 -19.38 -1.50
N GLU A 197 -12.13 -19.75 -1.55
CA GLU A 197 -11.64 -20.75 -0.57
C GLU A 197 -11.63 -20.23 0.83
N ARG A 198 -11.26 -18.97 1.02
CA ARG A 198 -11.32 -18.37 2.36
C ARG A 198 -12.78 -18.28 2.88
N PHE A 199 -13.70 -17.86 2.04
CA PHE A 199 -15.06 -17.71 2.48
C PHE A 199 -15.71 -19.04 2.89
N ILE A 200 -15.62 -20.03 2.03
CA ILE A 200 -16.30 -21.28 2.36
C ILE A 200 -15.69 -21.92 3.56
N GLU A 201 -14.52 -21.50 4.00
CA GLU A 201 -13.99 -22.14 5.17
C GLU A 201 -14.49 -21.49 6.47
N LEU A 202 -15.11 -20.32 6.37
CA LEU A 202 -15.70 -19.71 7.58
C LEU A 202 -16.77 -20.59 8.23
N ASP A 203 -16.76 -20.66 9.53
CA ASP A 203 -17.85 -21.38 10.18
C ASP A 203 -19.26 -20.95 9.75
N ALA A 204 -19.44 -19.66 9.57
CA ALA A 204 -20.74 -19.21 9.12
C ALA A 204 -21.08 -19.83 7.78
N ALA A 205 -20.09 -19.96 6.91
CA ALA A 205 -20.35 -20.48 5.60
C ALA A 205 -20.66 -21.96 5.66
N LYS A 206 -19.96 -22.65 6.53
CA LYS A 206 -20.25 -24.05 6.67
C LYS A 206 -21.64 -24.28 7.19
N ALA A 207 -22.13 -23.43 8.04
CA ALA A 207 -23.45 -23.65 8.52
C ALA A 207 -24.46 -23.24 7.47
N ALA A 208 -24.16 -22.25 6.65
CA ALA A 208 -25.23 -21.71 5.88
C ALA A 208 -25.28 -22.09 4.42
N LEU A 209 -24.14 -22.35 3.79
CA LEU A 209 -24.17 -22.60 2.34
C LEU A 209 -24.81 -23.94 2.10
N PRO A 210 -25.67 -24.09 1.12
CA PRO A 210 -26.22 -25.42 0.87
C PRO A 210 -25.25 -26.37 0.24
N ASP A 211 -25.59 -27.62 0.49
CA ASP A 211 -24.86 -28.74 -0.02
C ASP A 211 -24.89 -28.78 -1.54
N VAL A 212 -23.72 -28.83 -2.11
CA VAL A 212 -23.62 -28.73 -3.53
C VAL A 212 -24.19 -29.92 -4.27
N GLY A 213 -24.01 -31.13 -3.74
CA GLY A 213 -24.56 -32.34 -4.34
C GLY A 213 -26.08 -32.26 -4.48
N ARG A 214 -26.74 -31.91 -3.37
CA ARG A 214 -28.17 -31.83 -3.41
C ARG A 214 -28.53 -30.68 -4.31
N LEU A 215 -27.84 -29.58 -4.18
CA LEU A 215 -28.13 -28.45 -5.01
C LEU A 215 -28.08 -28.82 -6.49
N LEU A 216 -27.05 -29.59 -6.85
CA LEU A 216 -26.91 -30.02 -8.22
C LEU A 216 -28.07 -30.90 -8.69
N GLU A 217 -28.52 -31.80 -7.85
CA GLU A 217 -29.63 -32.67 -8.28
C GLU A 217 -30.84 -31.82 -8.47
N PHE A 218 -31.05 -30.91 -7.55
CA PHE A 218 -32.18 -30.00 -7.63
C PHE A 218 -32.03 -29.25 -8.99
N ALA A 219 -30.88 -28.73 -9.28
CA ALA A 219 -30.72 -27.95 -10.52
C ALA A 219 -30.95 -28.78 -11.74
N LYS A 220 -30.40 -29.97 -11.78
CA LYS A 220 -30.56 -30.77 -12.99
C LYS A 220 -32.00 -31.12 -13.26
N ALA A 221 -32.83 -31.20 -12.22
CA ALA A 221 -34.24 -31.50 -12.41
C ALA A 221 -34.93 -30.25 -12.92
N ARG A 222 -34.46 -29.08 -12.60
CA ARG A 222 -35.16 -27.92 -13.08
C ARG A 222 -34.77 -27.60 -14.50
N GLU A 223 -33.52 -27.89 -14.83
CA GLU A 223 -33.07 -27.66 -16.20
C GLU A 223 -33.82 -28.60 -17.15
N ALA A 224 -33.91 -29.87 -16.77
CA ALA A 224 -34.58 -30.89 -17.59
C ALA A 224 -36.05 -30.62 -17.98
N GLY B 4 -6.45 -17.58 6.76
CA GLY B 4 -5.10 -17.29 7.24
C GLY B 4 -4.51 -16.14 6.45
N ASP B 5 -3.23 -16.28 6.12
CA ASP B 5 -2.50 -15.27 5.37
C ASP B 5 -1.72 -15.80 4.16
N ASP B 6 -2.21 -15.55 2.96
CA ASP B 6 -1.50 -15.89 1.72
C ASP B 6 -0.61 -14.68 1.36
N LEU B 7 0.62 -15.00 1.03
CA LEU B 7 1.59 -14.08 0.59
C LEU B 7 2.10 -14.62 -0.73
N LYS B 8 2.24 -13.72 -1.69
CA LYS B 8 2.77 -13.97 -3.02
C LYS B 8 3.76 -12.83 -3.29
N LEU B 9 4.98 -13.16 -3.72
CA LEU B 9 5.93 -12.12 -4.08
C LEU B 9 6.13 -12.09 -5.60
N LEU B 10 5.86 -10.96 -6.25
CA LEU B 10 6.12 -10.84 -7.69
C LEU B 10 7.49 -10.20 -7.75
N GLY B 11 8.38 -10.90 -8.44
CA GLY B 11 9.74 -10.55 -8.50
C GLY B 11 10.42 -11.07 -9.75
N ALA B 12 11.60 -10.57 -9.97
CA ALA B 12 12.53 -11.05 -11.00
C ALA B 12 13.83 -11.20 -10.21
N TRP B 13 14.40 -12.38 -10.29
CA TRP B 13 15.48 -12.83 -9.43
C TRP B 13 16.68 -11.93 -9.39
N PRO B 14 17.08 -11.31 -10.47
CA PRO B 14 18.22 -10.43 -10.44
C PRO B 14 18.03 -9.17 -9.65
N SER B 15 16.83 -8.69 -9.45
CA SER B 15 16.66 -7.45 -8.78
C SER B 15 17.02 -7.46 -7.32
N PRO B 16 17.85 -6.48 -6.93
CA PRO B 16 18.29 -6.40 -5.55
C PRO B 16 17.14 -6.04 -4.57
N PHE B 17 16.21 -5.31 -5.15
CA PHE B 17 15.00 -4.89 -4.50
C PHE B 17 14.15 -6.15 -4.11
N VAL B 18 14.07 -7.11 -4.99
CA VAL B 18 13.36 -8.34 -4.70
C VAL B 18 14.11 -9.11 -3.67
N THR B 19 15.44 -9.16 -3.81
CA THR B 19 16.27 -9.85 -2.88
C THR B 19 15.96 -9.33 -1.47
N ARG B 20 15.83 -8.03 -1.33
CA ARG B 20 15.58 -7.58 -0.01
C ARG B 20 14.31 -8.13 0.62
N VAL B 21 13.27 -8.24 -0.18
CA VAL B 21 12.03 -8.69 0.39
C VAL B 21 12.21 -10.18 0.67
N LYS B 22 12.85 -10.87 -0.23
CA LYS B 22 13.05 -12.33 0.08
C LYS B 22 13.81 -12.56 1.38
N LEU B 23 14.76 -11.66 1.69
CA LEU B 23 15.50 -11.80 2.95
C LEU B 23 14.59 -11.64 4.15
N ALA B 24 13.78 -10.62 3.98
CA ALA B 24 12.88 -10.35 5.09
C ALA B 24 11.90 -11.43 5.39
N LEU B 25 11.29 -11.99 4.36
CA LEU B 25 10.39 -13.11 4.57
C LEU B 25 11.10 -14.27 5.20
N ALA B 26 12.31 -14.57 4.75
CA ALA B 26 13.04 -15.68 5.24
C ALA B 26 13.45 -15.41 6.66
N LEU B 27 13.85 -14.19 7.00
CA LEU B 27 14.17 -13.87 8.38
C LEU B 27 13.00 -14.16 9.31
N LYS B 28 11.75 -14.04 8.86
CA LYS B 28 10.69 -14.33 9.76
C LYS B 28 10.21 -15.71 9.58
N GLY B 29 10.71 -16.44 8.62
CA GLY B 29 10.16 -17.78 8.43
C GLY B 29 8.82 -17.78 7.73
N LEU B 30 8.48 -16.76 6.94
CA LEU B 30 7.14 -16.71 6.35
C LEU B 30 7.07 -17.42 5.07
N SER B 31 6.00 -18.18 4.91
CA SER B 31 5.81 -18.95 3.73
C SER B 31 5.14 -18.12 2.67
N TYR B 32 5.51 -18.28 1.42
CA TYR B 32 4.88 -17.51 0.39
C TYR B 32 5.15 -18.09 -0.96
N GLU B 33 4.37 -17.71 -1.95
CA GLU B 33 4.61 -18.18 -3.30
C GLU B 33 5.48 -17.17 -4.04
N ASP B 34 6.60 -17.61 -4.59
CA ASP B 34 7.57 -16.75 -5.27
C ASP B 34 7.16 -16.81 -6.70
N VAL B 35 6.70 -15.71 -7.28
CA VAL B 35 6.30 -15.73 -8.64
C VAL B 35 7.29 -14.90 -9.46
N GLU B 36 7.70 -15.49 -10.56
CA GLU B 36 8.71 -14.91 -11.40
C GLU B 36 8.06 -14.05 -12.50
N GLU B 37 8.42 -12.78 -12.57
CA GLU B 37 7.91 -11.91 -13.63
C GLU B 37 8.92 -11.69 -14.70
N ASP B 38 8.45 -11.65 -15.91
CA ASP B 38 9.24 -11.30 -17.09
C ASP B 38 9.02 -9.83 -17.31
N LEU B 39 10.04 -9.00 -17.16
CA LEU B 39 9.88 -7.56 -17.35
C LEU B 39 9.65 -7.12 -18.84
N TYR B 40 9.79 -8.01 -19.82
CA TYR B 40 9.43 -7.71 -21.21
C TYR B 40 8.02 -8.23 -21.57
N LYS B 41 7.41 -8.94 -20.63
CA LYS B 41 6.07 -9.46 -20.81
C LYS B 41 5.40 -9.61 -19.40
N LYS B 42 5.09 -8.48 -18.83
CA LYS B 42 4.52 -8.42 -17.50
C LYS B 42 3.18 -9.03 -17.43
N SER B 43 2.97 -9.80 -16.37
CA SER B 43 1.71 -10.39 -16.09
C SER B 43 0.72 -9.30 -15.80
N GLU B 44 -0.50 -9.67 -16.11
CA GLU B 44 -1.67 -8.93 -15.68
C GLU B 44 -1.70 -8.78 -14.19
N LEU B 45 -1.31 -9.79 -13.42
CA LEU B 45 -1.40 -9.57 -11.98
C LEU B 45 -0.37 -8.49 -11.59
N LEU B 46 0.78 -8.39 -12.28
CA LEU B 46 1.78 -7.39 -11.92
C LEU B 46 1.31 -6.04 -12.37
N LEU B 47 0.71 -5.96 -13.54
CA LEU B 47 0.33 -4.66 -14.08
C LEU B 47 -0.87 -4.10 -13.33
N LYS B 48 -1.71 -4.99 -12.83
CA LYS B 48 -2.81 -4.55 -11.98
C LYS B 48 -2.40 -4.35 -10.53
N SER B 49 -1.34 -4.95 -10.05
CA SER B 49 -0.98 -4.76 -8.67
C SER B 49 -0.09 -3.53 -8.51
N ASN B 50 0.73 -3.17 -9.51
CA ASN B 50 1.55 -1.96 -9.39
C ASN B 50 1.37 -1.16 -10.71
N PRO B 51 0.19 -0.65 -10.98
CA PRO B 51 -0.07 0.09 -12.22
C PRO B 51 0.69 1.37 -12.26
N VAL B 52 1.07 1.90 -11.14
CA VAL B 52 1.80 3.15 -11.16
C VAL B 52 3.25 2.97 -11.64
N HIS B 53 4.04 2.04 -11.12
CA HIS B 53 5.39 1.92 -11.64
C HIS B 53 5.60 0.70 -12.56
N LYS B 54 4.70 -0.26 -12.42
CA LYS B 54 4.83 -1.53 -13.06
C LYS B 54 6.16 -2.10 -12.77
N LYS B 55 6.58 -2.00 -11.53
CA LYS B 55 7.86 -2.55 -11.15
C LYS B 55 7.69 -3.66 -10.11
N ILE B 56 8.74 -4.46 -9.98
CA ILE B 56 8.85 -5.43 -8.90
C ILE B 56 9.88 -4.92 -7.93
N PRO B 57 9.88 -5.34 -6.66
CA PRO B 57 9.01 -6.39 -6.14
C PRO B 57 7.68 -5.78 -5.81
N VAL B 58 6.72 -6.67 -5.77
CA VAL B 58 5.44 -6.41 -5.24
C VAL B 58 5.10 -7.59 -4.31
N LEU B 59 4.74 -7.29 -3.07
CA LEU B 59 4.23 -8.31 -2.17
C LEU B 59 2.71 -8.29 -2.17
N ILE B 60 2.06 -9.44 -2.28
CA ILE B 60 0.61 -9.52 -2.27
C ILE B 60 0.25 -10.31 -1.06
N HIS B 61 -0.53 -9.65 -0.23
CA HIS B 61 -0.94 -10.26 1.03
C HIS B 61 -2.47 -10.32 1.06
N ASN B 62 -2.96 -11.54 0.97
CA ASN B 62 -4.35 -11.89 0.86
C ASN B 62 -4.97 -11.07 -0.25
N GLY B 63 -4.26 -11.03 -1.35
CA GLY B 63 -4.79 -10.37 -2.54
C GLY B 63 -4.35 -8.91 -2.62
N ALA B 64 -3.92 -8.29 -1.55
CA ALA B 64 -3.60 -6.83 -1.59
C ALA B 64 -2.13 -6.55 -1.84
N PRO B 65 -1.81 -5.70 -2.82
CA PRO B 65 -0.42 -5.38 -3.10
C PRO B 65 0.20 -4.33 -2.27
N VAL B 66 1.46 -4.56 -2.03
CA VAL B 66 2.31 -3.60 -1.35
C VAL B 66 3.61 -3.58 -2.22
N CYS B 67 4.00 -2.37 -2.61
CA CYS B 67 5.12 -2.08 -3.46
C CYS B 67 6.20 -1.33 -2.71
N GLU B 68 7.40 -1.30 -3.30
CA GLU B 68 8.63 -0.67 -2.81
C GLU B 68 9.25 -1.52 -1.74
N SER B 69 10.47 -2.00 -2.05
CA SER B 69 11.15 -2.90 -1.20
C SER B 69 11.17 -2.46 0.31
N MET B 70 11.58 -1.21 0.57
CA MET B 70 11.70 -0.82 1.97
C MET B 70 10.35 -0.66 2.69
N ILE B 71 9.33 -0.33 1.94
CA ILE B 71 8.04 -0.25 2.48
C ILE B 71 7.49 -1.63 2.72
N ILE B 72 7.76 -2.52 1.80
CA ILE B 72 7.31 -3.90 1.99
C ILE B 72 7.94 -4.46 3.28
N LEU B 73 9.23 -4.14 3.50
CA LEU B 73 9.87 -4.66 4.68
C LEU B 73 9.21 -4.20 6.00
N GLN B 74 8.91 -2.91 6.00
CA GLN B 74 8.23 -2.37 7.13
C GLN B 74 6.79 -2.86 7.23
N TYR B 75 6.11 -3.06 6.10
CA TYR B 75 4.77 -3.70 6.15
C TYR B 75 4.84 -5.07 6.85
N ILE B 76 5.82 -5.87 6.45
CA ILE B 76 6.00 -7.22 7.00
C ILE B 76 6.31 -7.12 8.50
N ASP B 77 7.10 -6.10 8.92
CA ASP B 77 7.52 -5.99 10.25
C ASP B 77 6.34 -5.67 11.16
N GLU B 78 5.42 -4.90 10.67
CA GLU B 78 4.28 -4.45 11.45
C GLU B 78 3.22 -5.53 11.46
N VAL B 79 2.94 -6.15 10.33
CA VAL B 79 1.88 -7.14 10.28
C VAL B 79 2.25 -8.44 10.93
N PHE B 80 3.51 -8.83 10.77
CA PHE B 80 3.90 -10.13 11.32
C PHE B 80 4.75 -10.00 12.55
N ALA B 81 4.41 -9.02 13.38
CA ALA B 81 5.22 -8.70 14.53
C ALA B 81 5.35 -9.85 15.47
N SER B 82 4.36 -10.71 15.53
CA SER B 82 4.37 -11.74 16.53
C SER B 82 5.11 -12.93 15.97
N THR B 83 5.54 -12.85 14.71
CA THR B 83 6.26 -13.92 14.06
C THR B 83 7.74 -13.55 13.81
N GLY B 84 8.67 -14.24 14.45
CA GLY B 84 10.09 -14.10 14.25
C GLY B 84 10.56 -12.78 14.76
N PRO B 85 11.79 -12.44 14.53
CA PRO B 85 12.33 -11.13 14.93
C PRO B 85 11.90 -9.97 14.01
N SER B 86 12.03 -8.78 14.54
CA SER B 86 11.67 -7.52 13.89
C SER B 86 12.90 -6.87 13.31
N LEU B 87 12.76 -6.32 12.12
CA LEU B 87 13.78 -5.55 11.50
C LEU B 87 13.92 -4.21 12.17
N LEU B 88 12.81 -3.70 12.69
CA LEU B 88 12.91 -2.40 13.34
C LEU B 88 12.85 -2.50 14.86
N PRO B 89 13.64 -1.64 15.48
CA PRO B 89 13.65 -1.43 16.92
C PRO B 89 12.27 -0.95 17.40
N ALA B 90 12.12 -1.11 18.68
CA ALA B 90 10.94 -0.72 19.40
C ALA B 90 11.00 0.82 19.65
N ASP B 91 12.13 1.35 20.04
CA ASP B 91 12.24 2.78 20.31
C ASP B 91 12.12 3.71 19.07
N PRO B 92 11.30 4.71 19.16
CA PRO B 92 11.22 5.68 18.06
C PRO B 92 12.54 6.29 17.59
N TYR B 93 13.44 6.63 18.46
CA TYR B 93 14.68 7.29 18.10
C TYR B 93 15.52 6.37 17.24
N GLU B 94 15.66 5.17 17.73
CA GLU B 94 16.34 4.12 17.04
C GLU B 94 15.69 3.81 15.70
N ARG B 95 14.38 3.85 15.66
CA ARG B 95 13.80 3.58 14.39
C ARG B 95 14.13 4.67 13.38
N ALA B 96 14.12 5.92 13.81
CA ALA B 96 14.52 7.06 12.94
C ALA B 96 15.94 6.94 12.43
N ILE B 97 16.84 6.52 13.30
CA ILE B 97 18.19 6.39 12.87
C ILE B 97 18.25 5.24 11.86
N ALA B 98 17.56 4.09 12.10
CA ALA B 98 17.57 3.07 11.08
C ALA B 98 17.09 3.57 9.70
N ARG B 99 16.00 4.24 9.72
CA ARG B 99 15.48 4.80 8.48
C ARG B 99 16.44 5.74 7.75
N PHE B 100 17.15 6.49 8.58
CA PHE B 100 18.14 7.42 8.10
C PHE B 100 19.18 6.65 7.36
N TRP B 101 19.66 5.57 7.94
CA TRP B 101 20.70 4.80 7.20
C TRP B 101 20.16 4.08 5.97
N VAL B 102 18.86 3.75 5.97
CA VAL B 102 18.30 3.05 4.81
C VAL B 102 18.29 4.08 3.68
N ALA B 103 17.95 5.30 4.03
CA ALA B 103 17.95 6.33 3.03
C ALA B 103 19.33 6.61 2.45
N TYR B 104 20.30 6.59 3.34
CA TYR B 104 21.65 6.76 2.93
C TYR B 104 22.05 5.67 1.93
N VAL B 105 21.74 4.44 2.30
CA VAL B 105 22.05 3.34 1.42
C VAL B 105 21.49 3.58 0.04
N ASP B 106 20.20 3.84 0.02
CA ASP B 106 19.49 4.05 -1.26
C ASP B 106 20.07 5.24 -2.03
N ASP B 107 20.22 6.40 -1.38
CA ASP B 107 20.62 7.60 -2.14
C ASP B 107 22.09 7.77 -2.39
N LYS B 108 22.95 7.31 -1.49
CA LYS B 108 24.37 7.63 -1.62
C LYS B 108 25.22 6.48 -2.00
N LEU B 109 24.62 5.29 -1.96
CA LEU B 109 25.25 4.09 -2.39
C LEU B 109 24.60 3.46 -3.58
N VAL B 110 23.33 3.09 -3.50
CA VAL B 110 22.76 2.36 -4.62
C VAL B 110 22.64 3.25 -5.88
N ALA B 111 22.12 4.46 -5.72
CA ALA B 111 22.04 5.33 -6.88
C ALA B 111 23.40 5.58 -7.65
N PRO B 112 24.45 6.02 -6.99
CA PRO B 112 25.69 6.19 -7.70
C PRO B 112 26.24 4.91 -8.21
N TRP B 113 25.99 3.83 -7.49
CA TRP B 113 26.43 2.53 -8.00
C TRP B 113 25.73 2.21 -9.31
N ARG B 114 24.47 2.49 -9.39
CA ARG B 114 23.77 2.27 -10.62
C ARG B 114 24.30 3.11 -11.80
N GLN B 115 24.78 4.31 -11.48
CA GLN B 115 25.33 5.20 -12.45
C GLN B 115 26.70 4.66 -12.83
N TRP B 116 27.45 4.13 -11.88
CA TRP B 116 28.69 3.53 -12.26
C TRP B 116 28.40 2.47 -13.28
N LEU B 117 27.41 1.60 -13.04
CA LEU B 117 27.13 0.53 -13.98
C LEU B 117 26.41 0.89 -15.24
N ARG B 118 25.51 1.84 -15.21
CA ARG B 118 24.70 2.00 -16.38
C ARG B 118 24.85 3.42 -16.79
N GLY B 119 25.98 4.02 -16.46
CA GLY B 119 26.16 5.41 -16.85
C GLY B 119 26.41 5.50 -18.35
N LYS B 120 26.08 6.64 -18.93
CA LYS B 120 26.19 6.84 -20.38
C LYS B 120 27.58 7.27 -20.80
N THR B 121 27.97 8.45 -20.33
CA THR B 121 29.28 9.05 -20.54
C THR B 121 30.27 8.44 -19.57
N GLU B 122 31.55 8.36 -19.94
CA GLU B 122 32.53 7.68 -19.07
C GLU B 122 32.90 8.45 -17.82
N GLU B 123 32.68 9.76 -17.86
CA GLU B 123 32.84 10.60 -16.69
C GLU B 123 31.74 10.24 -15.71
N GLU B 124 30.55 9.97 -16.24
CA GLU B 124 29.43 9.55 -15.42
C GLU B 124 29.74 8.23 -14.70
N LYS B 125 30.20 7.23 -15.41
CA LYS B 125 30.53 5.99 -14.76
C LYS B 125 31.48 6.30 -13.62
N SER B 126 32.42 7.20 -13.89
CA SER B 126 33.50 7.44 -12.93
C SER B 126 33.07 8.23 -11.69
N GLU B 127 32.15 9.14 -11.89
CA GLU B 127 31.61 9.86 -10.78
C GLU B 127 30.80 8.91 -9.86
N GLY B 128 30.00 8.03 -10.44
CA GLY B 128 29.19 7.11 -9.69
C GLY B 128 30.09 6.27 -8.83
N LYS B 129 31.14 5.79 -9.44
CA LYS B 129 32.08 4.96 -8.76
C LYS B 129 32.68 5.71 -7.61
N LYS B 130 33.13 6.90 -7.90
CA LYS B 130 33.69 7.70 -6.86
C LYS B 130 32.72 7.88 -5.66
N GLN B 131 31.47 8.20 -5.94
CA GLN B 131 30.49 8.47 -4.88
C GLN B 131 30.19 7.18 -4.08
N ALA B 132 30.06 6.05 -4.79
CA ALA B 132 29.85 4.76 -4.15
C ALA B 132 30.94 4.48 -3.17
N PHE B 133 32.16 4.61 -3.61
CA PHE B 133 33.22 4.40 -2.69
C PHE B 133 33.21 5.31 -1.46
N ALA B 134 32.93 6.60 -1.63
CA ALA B 134 32.79 7.46 -0.46
C ALA B 134 31.68 6.99 0.49
N ALA B 135 30.55 6.57 -0.05
CA ALA B 135 29.46 6.14 0.78
C ALA B 135 29.82 4.91 1.63
N VAL B 136 30.53 4.00 1.01
CA VAL B 136 30.95 2.85 1.74
C VAL B 136 31.77 3.31 2.93
N GLY B 137 32.64 4.30 2.76
CA GLY B 137 33.42 4.84 3.88
C GLY B 137 32.53 5.31 5.03
N VAL B 138 31.50 6.01 4.67
CA VAL B 138 30.60 6.47 5.70
C VAL B 138 29.81 5.35 6.37
N LEU B 139 29.38 4.36 5.59
CA LEU B 139 28.63 3.25 6.16
C LEU B 139 29.44 2.46 7.19
N GLU B 140 30.71 2.32 6.87
CA GLU B 140 31.59 1.72 7.84
C GLU B 140 31.46 2.40 9.22
N GLY B 141 31.43 3.72 9.32
CA GLY B 141 31.37 4.40 10.60
C GLY B 141 30.02 4.12 11.20
N ALA B 142 28.98 4.03 10.36
CA ALA B 142 27.67 3.72 10.97
C ALA B 142 27.66 2.32 11.62
N LEU B 143 28.33 1.39 10.97
CA LEU B 143 28.35 0.03 11.52
C LEU B 143 29.12 0.02 12.83
N ARG B 144 30.21 0.81 12.87
CA ARG B 144 31.04 0.94 14.04
C ARG B 144 30.21 1.32 15.26
N GLU B 145 29.32 2.24 15.04
CA GLU B 145 28.48 2.73 16.11
C GLU B 145 27.25 1.89 16.36
N CYS B 146 26.75 1.13 15.41
CA CYS B 146 25.54 0.35 15.67
C CYS B 146 25.81 -1.09 16.06
N SER B 147 26.98 -1.64 15.74
CA SER B 147 27.22 -3.00 16.07
C SER B 147 26.98 -3.34 17.53
N LYS B 148 27.54 -2.56 18.44
CA LYS B 148 27.44 -2.80 19.88
C LYS B 148 27.83 -4.19 20.31
N GLY B 149 28.77 -4.79 19.57
CA GLY B 149 29.24 -6.11 19.81
C GLY B 149 28.44 -7.20 19.12
N GLY B 150 27.29 -6.98 18.47
CA GLY B 150 26.64 -8.11 17.82
C GLY B 150 27.05 -8.18 16.35
N GLY B 151 27.56 -7.12 15.74
CA GLY B 151 28.03 -7.26 14.37
C GLY B 151 27.12 -6.82 13.26
N PHE B 152 25.91 -6.38 13.58
CA PHE B 152 25.03 -5.99 12.55
C PHE B 152 24.64 -4.58 12.72
N PHE B 153 24.16 -3.97 11.65
CA PHE B 153 23.67 -2.62 11.81
C PHE B 153 22.58 -2.64 12.83
N GLY B 154 21.91 -3.78 12.97
CA GLY B 154 20.84 -3.91 13.97
C GLY B 154 21.34 -4.32 15.35
N GLY B 155 22.62 -4.23 15.62
CA GLY B 155 23.11 -4.68 16.92
C GLY B 155 23.37 -6.17 16.87
N ASP B 156 22.71 -6.90 17.77
CA ASP B 156 22.84 -8.33 17.83
C ASP B 156 22.02 -9.11 16.81
N GLY B 157 21.05 -8.47 16.17
CA GLY B 157 20.21 -9.14 15.19
C GLY B 157 20.26 -8.38 13.88
N VAL B 158 19.76 -9.00 12.83
CA VAL B 158 19.66 -8.35 11.55
C VAL B 158 18.56 -7.37 11.64
N GLY B 159 18.80 -6.16 11.25
CA GLY B 159 17.83 -5.11 11.25
C GLY B 159 17.67 -4.61 9.81
N LEU B 160 16.80 -3.61 9.76
CA LEU B 160 16.39 -2.97 8.53
C LEU B 160 17.56 -2.56 7.65
N VAL B 161 18.56 -1.87 8.23
CA VAL B 161 19.72 -1.40 7.43
C VAL B 161 20.47 -2.57 6.87
N ASP B 162 20.63 -3.59 7.69
CA ASP B 162 21.30 -4.83 7.24
C ASP B 162 20.62 -5.39 6.06
N VAL B 163 19.27 -5.42 6.06
CA VAL B 163 18.65 -5.97 4.91
C VAL B 163 18.71 -5.02 3.76
N ALA B 164 18.61 -3.73 4.02
CA ALA B 164 18.59 -2.80 2.91
C ALA B 164 19.84 -2.93 2.12
N LEU B 165 20.98 -3.03 2.83
CA LEU B 165 22.27 -3.21 2.16
C LEU B 165 22.49 -4.63 1.69
N GLY B 166 22.10 -5.54 2.56
CA GLY B 166 22.20 -6.95 2.25
C GLY B 166 21.72 -7.36 0.87
N GLY B 167 20.62 -6.77 0.48
CA GLY B 167 20.02 -7.16 -0.79
C GLY B 167 20.90 -6.88 -1.98
N VAL B 168 21.86 -5.98 -1.85
CA VAL B 168 22.65 -5.64 -3.00
C VAL B 168 23.92 -6.42 -3.06
N LEU B 169 24.12 -7.33 -2.12
CA LEU B 169 25.37 -8.00 -2.04
C LEU B 169 25.70 -8.87 -3.25
N SER B 170 24.76 -9.59 -3.88
CA SER B 170 25.18 -10.34 -5.00
C SER B 170 25.64 -9.38 -6.12
N TRP B 171 24.97 -8.27 -6.25
CA TRP B 171 25.31 -7.31 -7.24
C TRP B 171 26.67 -6.72 -6.92
N MET B 172 27.04 -6.65 -5.65
CA MET B 172 28.36 -6.06 -5.37
C MET B 172 29.47 -7.02 -5.79
N LYS B 173 29.25 -8.31 -5.58
CA LYS B 173 30.23 -9.26 -5.99
C LYS B 173 30.34 -9.23 -7.50
N VAL B 174 29.19 -9.19 -8.17
CA VAL B 174 29.21 -9.10 -9.60
C VAL B 174 29.96 -7.88 -10.08
N THR B 175 29.81 -6.76 -9.38
CA THR B 175 30.48 -5.54 -9.81
C THR B 175 32.00 -5.71 -9.64
N GLU B 176 32.36 -6.42 -8.61
CA GLU B 176 33.76 -6.67 -8.43
C GLU B 176 34.33 -7.37 -9.65
N ALA B 177 33.63 -8.44 -10.09
CA ALA B 177 34.07 -9.27 -11.20
C ALA B 177 34.10 -8.48 -12.48
N LEU B 178 33.21 -7.55 -12.65
CA LEU B 178 33.21 -6.81 -13.88
C LEU B 178 34.23 -5.74 -13.90
N SER B 179 34.51 -5.13 -12.76
CA SER B 179 35.35 -3.92 -12.76
C SER B 179 36.75 -4.17 -12.32
N GLY B 180 36.99 -5.23 -11.57
CA GLY B 180 38.27 -5.40 -10.90
C GLY B 180 38.35 -4.72 -9.54
N ASP B 181 37.32 -3.99 -9.12
CA ASP B 181 37.42 -3.21 -7.88
C ASP B 181 36.62 -3.82 -6.74
N LYS B 182 37.20 -3.77 -5.56
CA LYS B 182 36.54 -4.32 -4.39
C LYS B 182 35.74 -3.24 -3.64
N ILE B 183 34.43 -3.38 -3.59
CA ILE B 183 33.58 -2.33 -3.04
C ILE B 183 33.78 -2.19 -1.53
N PHE B 184 33.81 -3.31 -0.82
CA PHE B 184 34.01 -3.30 0.61
C PHE B 184 35.44 -3.75 0.89
N ASP B 185 36.43 -3.16 0.23
CA ASP B 185 37.82 -3.55 0.46
C ASP B 185 38.23 -3.49 1.93
N ALA B 186 38.65 -4.59 2.51
CA ALA B 186 39.03 -4.65 3.93
C ALA B 186 40.11 -3.66 4.36
N ALA B 187 41.03 -3.34 3.45
CA ALA B 187 42.08 -2.39 3.78
C ALA B 187 41.52 -1.02 4.09
N LYS B 188 40.43 -0.67 3.41
CA LYS B 188 39.78 0.61 3.61
C LYS B 188 38.60 0.50 4.60
N THR B 189 37.81 -0.60 4.49
CA THR B 189 36.59 -0.78 5.26
C THR B 189 36.51 -2.17 5.82
N PRO B 190 37.32 -2.42 6.80
CA PRO B 190 37.33 -3.75 7.37
C PRO B 190 36.03 -4.07 8.09
N LEU B 191 35.37 -3.12 8.72
CA LEU B 191 34.13 -3.48 9.44
C LEU B 191 33.17 -4.03 8.40
N LEU B 192 33.08 -3.34 7.26
CA LEU B 192 32.11 -3.76 6.26
C LEU B 192 32.47 -5.02 5.63
N ALA B 193 33.75 -5.24 5.42
CA ALA B 193 34.14 -6.49 4.75
C ALA B 193 33.74 -7.63 5.65
N ALA B 194 33.97 -7.44 6.94
CA ALA B 194 33.59 -8.48 7.86
C ALA B 194 32.04 -8.67 8.01
N TRP B 195 31.27 -7.61 7.92
CA TRP B 195 29.82 -7.69 7.96
C TRP B 195 29.29 -8.48 6.79
N VAL B 196 29.91 -8.31 5.60
CA VAL B 196 29.51 -9.01 4.41
C VAL B 196 29.64 -10.49 4.69
N GLU B 197 30.74 -10.91 5.26
CA GLU B 197 30.90 -12.34 5.49
C GLU B 197 29.95 -12.85 6.52
N ARG B 198 29.71 -12.05 7.53
CA ARG B 198 28.71 -12.46 8.49
C ARG B 198 27.31 -12.56 7.88
N PHE B 199 26.94 -11.61 6.99
CA PHE B 199 25.59 -11.58 6.43
C PHE B 199 25.29 -12.72 5.49
N ILE B 200 26.20 -12.95 4.56
CA ILE B 200 26.00 -14.00 3.59
C ILE B 200 25.97 -15.37 4.26
N GLU B 201 26.45 -15.47 5.49
CA GLU B 201 26.41 -16.78 6.09
C GLU B 201 25.07 -17.08 6.78
N LEU B 202 24.24 -16.09 6.96
CA LEU B 202 22.92 -16.29 7.52
C LEU B 202 22.05 -17.26 6.70
N ASP B 203 21.26 -18.06 7.40
CA ASP B 203 20.42 -18.94 6.59
C ASP B 203 19.48 -18.14 5.68
N ALA B 204 19.03 -17.01 6.14
CA ALA B 204 18.13 -16.27 5.32
C ALA B 204 18.84 -15.76 4.06
N ALA B 205 20.11 -15.41 4.19
CA ALA B 205 20.87 -14.96 3.07
C ALA B 205 21.09 -16.06 2.08
N LYS B 206 21.35 -17.25 2.58
CA LYS B 206 21.53 -18.38 1.70
C LYS B 206 20.25 -18.68 0.97
N ALA B 207 19.13 -18.51 1.61
CA ALA B 207 17.92 -18.81 0.90
C ALA B 207 17.68 -17.71 -0.11
N ALA B 208 18.09 -16.50 0.13
CA ALA B 208 17.56 -15.47 -0.69
C ALA B 208 18.48 -14.83 -1.69
N LEU B 209 19.76 -14.75 -1.40
CA LEU B 209 20.67 -13.98 -2.24
C LEU B 209 20.82 -14.70 -3.55
N PRO B 210 20.74 -14.06 -4.69
CA PRO B 210 20.97 -14.79 -5.94
C PRO B 210 22.35 -15.24 -6.18
N ASP B 211 22.41 -16.31 -6.92
CA ASP B 211 23.65 -16.92 -7.27
C ASP B 211 24.55 -15.99 -8.09
N VAL B 212 25.72 -15.76 -7.61
CA VAL B 212 26.56 -14.74 -8.20
C VAL B 212 27.00 -15.10 -9.62
N GLY B 213 27.21 -16.38 -9.90
CA GLY B 213 27.58 -16.79 -11.24
C GLY B 213 26.49 -16.50 -12.25
N ARG B 214 25.24 -16.83 -11.95
CA ARG B 214 24.21 -16.56 -12.94
C ARG B 214 23.99 -15.10 -13.02
N LEU B 215 24.08 -14.46 -11.89
CA LEU B 215 23.88 -13.02 -11.89
C LEU B 215 24.94 -12.37 -12.76
N LEU B 216 26.19 -12.84 -12.65
CA LEU B 216 27.27 -12.27 -13.50
C LEU B 216 27.00 -12.43 -15.02
N GLU B 217 26.54 -13.60 -15.42
CA GLU B 217 26.18 -13.81 -16.85
C GLU B 217 25.05 -12.92 -17.26
N PHE B 218 24.03 -12.84 -16.42
CA PHE B 218 22.99 -11.92 -16.73
C PHE B 218 23.60 -10.50 -16.90
N ALA B 219 24.47 -10.10 -15.99
CA ALA B 219 24.99 -8.74 -16.01
C ALA B 219 25.84 -8.49 -17.23
N LYS B 220 26.68 -9.44 -17.61
CA LYS B 220 27.50 -9.27 -18.80
C LYS B 220 26.67 -9.16 -20.04
N ALA B 221 25.48 -9.74 -20.06
CA ALA B 221 24.70 -9.70 -21.27
C ALA B 221 24.00 -8.37 -21.31
N ARG B 222 23.73 -7.78 -20.18
CA ARG B 222 23.04 -6.50 -20.23
C ARG B 222 24.02 -5.39 -20.51
N GLU B 223 25.28 -5.60 -20.15
CA GLU B 223 26.29 -4.58 -20.38
C GLU B 223 26.60 -4.54 -21.86
N ALA B 224 26.62 -5.70 -22.50
CA ALA B 224 26.82 -5.79 -23.95
C ALA B 224 26.21 -4.62 -24.73
N GLY C 4 10.85 17.18 30.92
CA GLY C 4 10.31 17.84 29.72
C GLY C 4 10.76 17.24 28.40
N ASP C 5 10.28 17.89 27.36
CA ASP C 5 10.73 17.65 26.02
C ASP C 5 11.09 18.94 25.31
N ASP C 6 12.36 19.24 25.14
CA ASP C 6 12.78 20.39 24.36
C ASP C 6 12.99 19.93 22.92
N LEU C 7 12.54 20.78 22.02
CA LEU C 7 12.57 20.56 20.61
C LEU C 7 13.16 21.79 20.01
N LYS C 8 14.10 21.60 19.10
CA LYS C 8 14.78 22.65 18.39
C LYS C 8 14.83 22.17 16.93
N LEU C 9 14.46 23.01 15.99
CA LEU C 9 14.52 22.71 14.58
C LEU C 9 15.56 23.61 13.91
N LEU C 10 16.51 22.95 13.30
CA LEU C 10 17.56 23.63 12.56
C LEU C 10 17.10 23.62 11.12
N GLY C 11 16.92 24.80 10.55
CA GLY C 11 16.45 24.97 9.21
C GLY C 11 16.83 26.27 8.56
N ALA C 12 16.49 26.33 7.29
CA ALA C 12 16.66 27.57 6.50
C ALA C 12 15.30 27.68 5.84
N TRP C 13 14.70 28.83 6.03
CA TRP C 13 13.30 29.05 5.72
C TRP C 13 12.85 28.74 4.31
N PRO C 14 13.67 28.88 3.27
CA PRO C 14 13.27 28.51 1.93
C PRO C 14 13.13 27.02 1.67
N SER C 15 13.75 26.17 2.44
CA SER C 15 13.75 24.77 2.13
C SER C 15 12.40 24.09 2.37
N PRO C 16 11.86 23.46 1.35
CA PRO C 16 10.57 22.77 1.49
C PRO C 16 10.65 21.59 2.47
N PHE C 17 11.85 21.12 2.73
CA PHE C 17 12.07 20.01 3.62
C PHE C 17 11.87 20.48 5.07
N VAL C 18 12.30 21.71 5.30
CA VAL C 18 12.09 22.36 6.55
C VAL C 18 10.61 22.65 6.70
N THR C 19 10.00 23.09 5.65
CA THR C 19 8.60 23.44 5.74
C THR C 19 7.85 22.20 6.13
N ARG C 20 8.20 21.03 5.59
CA ARG C 20 7.44 19.89 6.00
C ARG C 20 7.43 19.64 7.51
N VAL C 21 8.57 19.83 8.17
CA VAL C 21 8.70 19.60 9.59
C VAL C 21 7.92 20.64 10.35
N LYS C 22 7.99 21.89 9.86
CA LYS C 22 7.25 22.96 10.51
C LYS C 22 5.74 22.66 10.47
N LEU C 23 5.26 22.14 9.36
CA LEU C 23 3.83 21.75 9.28
C LEU C 23 3.51 20.70 10.33
N ALA C 24 4.34 19.71 10.38
CA ALA C 24 4.12 18.64 11.32
C ALA C 24 4.10 19.04 12.80
N LEU C 25 4.98 19.95 13.21
CA LEU C 25 4.98 20.41 14.56
C LEU C 25 3.76 21.26 14.81
N ALA C 26 3.44 22.10 13.84
CA ALA C 26 2.26 22.91 14.00
C ALA C 26 1.02 22.05 14.07
N LEU C 27 0.90 21.02 13.26
CA LEU C 27 -0.29 20.14 13.33
C LEU C 27 -0.48 19.50 14.71
N LYS C 28 0.60 19.22 15.42
CA LYS C 28 0.39 18.67 16.75
C LYS C 28 0.35 19.74 17.82
N GLY C 29 0.53 20.99 17.46
CA GLY C 29 0.64 22.03 18.47
C GLY C 29 1.91 21.97 19.28
N LEU C 30 3.02 21.45 18.76
CA LEU C 30 4.21 21.33 19.57
C LEU C 30 5.05 22.58 19.60
N SER C 31 5.55 22.91 20.79
CA SER C 31 6.33 24.07 20.83
C SER C 31 7.79 23.72 20.62
N TYR C 32 8.50 24.54 19.89
CA TYR C 32 9.91 24.30 19.65
C TYR C 32 10.62 25.61 19.36
N GLU C 33 11.93 25.58 19.47
CA GLU C 33 12.75 26.68 19.08
C GLU C 33 13.14 26.57 17.58
N ASP C 34 12.71 27.51 16.75
CA ASP C 34 13.02 27.52 15.33
C ASP C 34 14.35 28.19 15.18
N VAL C 35 15.39 27.47 14.83
CA VAL C 35 16.68 28.04 14.63
C VAL C 35 16.99 28.19 13.15
N GLU C 36 17.49 29.37 12.77
CA GLU C 36 17.82 29.64 11.38
C GLU C 36 19.28 29.34 11.10
N GLU C 37 19.53 28.58 10.05
CA GLU C 37 20.89 28.23 9.72
C GLU C 37 21.27 28.89 8.41
N ASP C 38 22.49 29.40 8.42
CA ASP C 38 23.10 29.95 7.22
C ASP C 38 23.84 28.81 6.52
N LEU C 39 23.38 28.41 5.36
CA LEU C 39 24.06 27.34 4.63
C LEU C 39 25.48 27.65 4.09
N TYR C 40 25.92 28.91 4.13
CA TYR C 40 27.24 29.30 3.80
C TYR C 40 28.11 29.46 5.01
N LYS C 41 27.52 29.34 6.21
CA LYS C 41 28.27 29.44 7.46
C LYS C 41 27.55 28.62 8.54
N LYS C 42 27.57 27.31 8.36
CA LYS C 42 26.81 26.43 9.22
C LYS C 42 27.30 26.44 10.62
N SER C 43 26.35 26.48 11.53
CA SER C 43 26.68 26.40 12.95
C SER C 43 27.29 25.10 13.29
N GLU C 44 28.10 25.20 14.30
CA GLU C 44 28.62 24.02 14.92
C GLU C 44 27.53 23.03 15.36
N LEU C 45 26.41 23.53 15.86
CA LEU C 45 25.37 22.62 16.28
C LEU C 45 24.84 21.82 15.07
N LEU C 46 24.71 22.45 13.89
CA LEU C 46 24.29 21.78 12.70
C LEU C 46 25.34 20.79 12.21
N LEU C 47 26.58 21.18 12.20
CA LEU C 47 27.64 20.36 11.68
C LEU C 47 27.83 19.14 12.58
N LYS C 48 27.59 19.32 13.88
CA LYS C 48 27.71 18.19 14.76
C LYS C 48 26.42 17.35 14.81
N SER C 49 25.28 17.93 14.51
CA SER C 49 24.04 17.16 14.55
C SER C 49 23.82 16.38 13.28
N ASN C 50 24.24 16.91 12.13
CA ASN C 50 24.09 16.19 10.88
C ASN C 50 25.43 16.16 10.13
N PRO C 51 26.43 15.48 10.70
CA PRO C 51 27.78 15.45 10.12
C PRO C 51 27.81 14.76 8.79
N VAL C 52 26.86 13.89 8.55
CA VAL C 52 26.89 13.10 7.37
C VAL C 52 26.49 13.88 6.13
N HIS C 53 25.36 14.55 6.16
CA HIS C 53 24.99 15.35 5.02
C HIS C 53 25.19 16.90 5.19
N LYS C 54 25.28 17.37 6.44
CA LYS C 54 25.32 18.79 6.79
C LYS C 54 24.17 19.53 6.21
N LYS C 55 23.05 18.85 6.14
CA LYS C 55 21.85 19.49 5.62
C LYS C 55 20.81 19.76 6.71
N ILE C 56 19.87 20.64 6.38
CA ILE C 56 18.68 20.83 7.16
C ILE C 56 17.55 20.22 6.40
N PRO C 57 16.44 19.91 7.01
CA PRO C 57 16.15 20.18 8.42
C PRO C 57 16.79 19.21 9.30
N VAL C 58 16.98 19.61 10.54
CA VAL C 58 17.37 18.72 11.57
C VAL C 58 16.50 19.04 12.77
N LEU C 59 15.87 18.01 13.33
CA LEU C 59 15.13 18.23 14.56
C LEU C 59 15.92 17.77 15.72
N ILE C 60 15.96 18.53 16.78
CA ILE C 60 16.68 18.11 17.94
C ILE C 60 15.78 17.95 19.12
N HIS C 61 15.82 16.77 19.69
CA HIS C 61 14.85 16.47 20.72
C HIS C 61 15.60 16.08 21.95
N ASN C 62 15.47 16.94 22.94
CA ASN C 62 16.25 16.78 24.15
C ASN C 62 17.76 16.54 23.82
N GLY C 63 18.18 17.28 22.80
CA GLY C 63 19.58 17.33 22.45
C GLY C 63 19.87 16.30 21.40
N ALA C 64 18.94 15.42 21.10
CA ALA C 64 19.28 14.36 20.13
C ALA C 64 18.78 14.71 18.70
N PRO C 65 19.64 14.61 17.67
CA PRO C 65 19.23 14.96 16.31
C PRO C 65 18.53 13.87 15.51
N VAL C 66 17.56 14.29 14.76
CA VAL C 66 16.89 13.45 13.83
C VAL C 66 16.92 14.25 12.51
N CYS C 67 17.38 13.61 11.46
CA CYS C 67 17.53 14.18 10.16
C CYS C 67 16.55 13.52 9.17
N GLU C 68 16.40 14.17 8.00
CA GLU C 68 15.56 13.79 6.85
C GLU C 68 14.13 14.09 7.15
N SER C 69 13.59 15.02 6.38
CA SER C 69 12.29 15.51 6.64
C SER C 69 11.23 14.38 6.86
N MET C 70 11.15 13.37 6.02
CA MET C 70 10.07 12.39 6.17
C MET C 70 10.26 11.41 7.36
N ILE C 71 11.50 11.23 7.77
CA ILE C 71 11.85 10.49 8.93
C ILE C 71 11.55 11.29 10.19
N ILE C 72 11.85 12.58 10.16
CA ILE C 72 11.48 13.44 11.26
C ILE C 72 9.96 13.40 11.50
N LEU C 73 9.21 13.46 10.42
CA LEU C 73 7.72 13.44 10.52
C LEU C 73 7.19 12.18 11.22
N GLN C 74 7.85 11.07 10.92
CA GLN C 74 7.47 9.82 11.47
C GLN C 74 7.97 9.73 12.91
N TYR C 75 9.14 10.30 13.21
CA TYR C 75 9.63 10.29 14.55
C TYR C 75 8.64 11.07 15.45
N ILE C 76 8.27 12.26 15.05
CA ILE C 76 7.30 13.05 15.76
C ILE C 76 5.97 12.28 15.95
N ASP C 77 5.52 11.57 14.90
CA ASP C 77 4.27 10.85 14.97
C ASP C 77 4.34 9.77 16.00
N GLU C 78 5.50 9.17 16.16
CA GLU C 78 5.66 8.06 17.09
C GLU C 78 5.87 8.54 18.50
N VAL C 79 6.74 9.55 18.67
CA VAL C 79 7.04 10.05 19.98
C VAL C 79 5.89 10.81 20.60
N PHE C 80 5.18 11.61 19.81
CA PHE C 80 4.18 12.47 20.37
C PHE C 80 2.82 11.96 20.03
N ALA C 81 2.64 10.65 20.09
CA ALA C 81 1.38 10.08 19.64
C ALA C 81 0.22 10.51 20.45
N SER C 82 0.40 10.76 21.72
CA SER C 82 -0.72 11.11 22.57
C SER C 82 -1.02 12.61 22.47
N THR C 83 -0.26 13.35 21.63
CA THR C 83 -0.47 14.78 21.44
C THR C 83 -0.94 15.12 20.04
N GLY C 84 -2.18 15.54 19.89
CA GLY C 84 -2.74 15.94 18.62
C GLY C 84 -2.96 14.77 17.70
N PRO C 85 -3.32 15.06 16.48
CA PRO C 85 -3.54 14.00 15.51
C PRO C 85 -2.24 13.44 14.96
N SER C 86 -2.37 12.24 14.38
CA SER C 86 -1.30 11.46 13.76
C SER C 86 -1.33 11.61 12.27
N LEU C 87 -0.17 11.66 11.67
CA LEU C 87 -0.03 11.75 10.24
C LEU C 87 -0.18 10.38 9.65
N LEU C 88 0.14 9.35 10.44
CA LEU C 88 -0.01 8.00 9.93
C LEU C 88 -1.17 7.29 10.51
N PRO C 89 -1.83 6.57 9.66
CA PRO C 89 -2.90 5.68 10.09
C PRO C 89 -2.33 4.56 10.96
N ALA C 90 -3.30 4.01 11.64
CA ALA C 90 -3.12 2.95 12.56
C ALA C 90 -2.82 1.63 11.84
N ASP C 91 -3.61 1.34 10.83
CA ASP C 91 -3.46 0.07 10.14
C ASP C 91 -2.17 -0.08 9.28
N PRO C 92 -1.50 -1.20 9.37
CA PRO C 92 -0.28 -1.41 8.58
C PRO C 92 -0.38 -1.24 7.03
N TYR C 93 -1.44 -1.72 6.42
CA TYR C 93 -1.62 -1.66 5.02
C TYR C 93 -1.70 -0.21 4.61
N GLU C 94 -2.47 0.54 5.34
CA GLU C 94 -2.69 1.94 5.10
C GLU C 94 -1.43 2.76 5.31
N ARG C 95 -0.66 2.37 6.27
CA ARG C 95 0.59 3.02 6.48
C ARG C 95 1.53 2.74 5.27
N ALA C 96 1.46 1.57 4.67
CA ALA C 96 2.32 1.23 3.50
C ALA C 96 2.01 2.04 2.28
N ILE C 97 0.70 2.20 2.09
CA ILE C 97 0.22 2.92 0.97
C ILE C 97 0.61 4.38 1.17
N ALA C 98 0.43 4.92 2.37
CA ALA C 98 0.89 6.28 2.63
C ALA C 98 2.41 6.43 2.33
N ARG C 99 3.20 5.55 2.85
CA ARG C 99 4.61 5.63 2.60
C ARG C 99 4.92 5.54 1.08
N PHE C 100 4.07 4.83 0.36
CA PHE C 100 4.25 4.60 -1.05
C PHE C 100 4.07 5.91 -1.79
N TRP C 101 3.07 6.66 -1.39
CA TRP C 101 2.79 7.92 -2.03
C TRP C 101 3.79 9.04 -1.63
N VAL C 102 4.35 8.99 -0.44
CA VAL C 102 5.37 9.94 -0.05
C VAL C 102 6.57 9.71 -0.96
N ALA C 103 6.91 8.47 -1.23
CA ALA C 103 8.06 8.16 -2.04
C ALA C 103 7.82 8.54 -3.47
N TYR C 104 6.58 8.42 -3.88
CA TYR C 104 6.20 8.85 -5.23
C TYR C 104 6.46 10.35 -5.32
N VAL C 105 6.03 11.08 -4.33
CA VAL C 105 6.11 12.57 -4.27
C VAL C 105 7.58 12.97 -4.37
N ASP C 106 8.37 12.33 -3.53
CA ASP C 106 9.83 12.54 -3.57
C ASP C 106 10.49 12.23 -4.92
N ASP C 107 10.23 11.05 -5.44
CA ASP C 107 10.94 10.59 -6.61
C ASP C 107 10.42 11.01 -7.97
N LYS C 108 9.11 11.19 -8.09
CA LYS C 108 8.50 11.38 -9.38
C LYS C 108 7.98 12.76 -9.55
N LEU C 109 7.89 13.48 -8.44
CA LEU C 109 7.53 14.87 -8.41
C LEU C 109 8.68 15.81 -8.03
N VAL C 110 9.17 15.74 -6.81
CA VAL C 110 10.14 16.70 -6.32
C VAL C 110 11.46 16.62 -7.09
N ALA C 111 12.00 15.44 -7.29
CA ALA C 111 13.19 15.28 -8.07
C ALA C 111 13.12 15.89 -9.52
N PRO C 112 12.15 15.53 -10.34
CA PRO C 112 12.11 16.14 -11.66
C PRO C 112 11.83 17.60 -11.60
N TRP C 113 11.17 18.04 -10.55
CA TRP C 113 10.86 19.43 -10.45
C TRP C 113 12.15 20.22 -10.18
N ARG C 114 12.96 19.69 -9.31
CA ARG C 114 14.24 20.29 -9.08
C ARG C 114 15.12 20.38 -10.36
N GLN C 115 14.99 19.37 -11.20
CA GLN C 115 15.70 19.33 -12.44
C GLN C 115 15.12 20.40 -13.34
N TRP C 116 13.80 20.55 -13.37
CA TRP C 116 13.23 21.57 -14.18
C TRP C 116 13.85 22.87 -13.75
N LEU C 117 13.97 23.14 -12.46
CA LEU C 117 14.56 24.37 -11.98
C LEU C 117 16.04 24.55 -12.06
N ARG C 118 16.83 23.51 -11.92
CA ARG C 118 18.23 23.75 -11.70
C ARG C 118 18.91 22.92 -12.72
N GLY C 119 18.18 22.56 -13.75
CA GLY C 119 18.80 21.71 -14.73
C GLY C 119 19.83 22.55 -15.50
N LYS C 120 20.87 21.88 -16.01
CA LYS C 120 21.98 22.57 -16.69
C LYS C 120 21.69 22.83 -18.18
N THR C 121 21.46 21.74 -18.90
CA THR C 121 21.06 21.78 -20.30
C THR C 121 19.57 22.08 -20.39
N GLU C 122 19.11 22.78 -21.42
CA GLU C 122 17.68 23.11 -21.53
C GLU C 122 16.78 21.91 -21.85
N GLU C 123 17.38 20.85 -22.36
CA GLU C 123 16.66 19.59 -22.57
C GLU C 123 16.38 19.02 -21.19
N GLU C 124 17.34 19.14 -20.29
CA GLU C 124 17.19 18.66 -18.92
C GLU C 124 16.08 19.44 -18.21
N LYS C 125 16.10 20.75 -18.29
CA LYS C 125 15.02 21.56 -17.76
C LYS C 125 13.68 21.02 -18.27
N SER C 126 13.66 20.67 -19.55
CA SER C 126 12.40 20.34 -20.22
C SER C 126 11.89 18.95 -19.91
N GLU C 127 12.81 18.04 -19.69
CA GLU C 127 12.42 16.69 -19.29
C GLU C 127 11.88 16.71 -17.83
N GLY C 128 12.52 17.47 -16.94
CA GLY C 128 12.11 17.60 -15.57
C GLY C 128 10.66 18.04 -15.49
N LYS C 129 10.41 19.09 -16.24
CA LYS C 129 9.10 19.65 -16.37
C LYS C 129 8.13 18.60 -16.84
N LYS C 130 8.47 17.96 -17.95
CA LYS C 130 7.57 16.95 -18.44
C LYS C 130 7.25 15.88 -17.37
N GLN C 131 8.22 15.44 -16.60
CA GLN C 131 8.05 14.34 -15.64
C GLN C 131 7.19 14.79 -14.47
N ALA C 132 7.42 16.00 -13.99
CA ALA C 132 6.70 16.64 -12.93
C ALA C 132 5.28 16.74 -13.26
N PHE C 133 4.98 17.16 -14.47
CA PHE C 133 3.60 17.22 -14.85
C PHE C 133 2.93 15.87 -14.97
N ALA C 134 3.60 14.87 -15.52
CA ALA C 134 3.02 13.50 -15.52
C ALA C 134 2.74 13.00 -14.09
N ALA C 135 3.58 13.38 -13.13
CA ALA C 135 3.39 12.90 -11.78
C ALA C 135 2.22 13.51 -11.07
N VAL C 136 2.01 14.79 -11.36
CA VAL C 136 0.89 15.46 -10.82
C VAL C 136 -0.38 14.73 -11.32
N GLY C 137 -0.45 14.33 -12.57
CA GLY C 137 -1.62 13.59 -13.06
C GLY C 137 -1.84 12.31 -12.29
N VAL C 138 -0.76 11.70 -11.90
CA VAL C 138 -0.94 10.43 -11.19
C VAL C 138 -1.39 10.69 -9.73
N LEU C 139 -0.86 11.75 -9.13
CA LEU C 139 -1.22 12.08 -7.77
C LEU C 139 -2.68 12.45 -7.65
N GLU C 140 -3.18 13.02 -8.70
CA GLU C 140 -4.59 13.34 -8.75
C GLU C 140 -5.43 12.06 -8.56
N GLY C 141 -5.06 10.96 -9.20
CA GLY C 141 -5.76 9.69 -8.99
C GLY C 141 -5.64 9.21 -7.56
N ALA C 142 -4.48 9.46 -6.96
CA ALA C 142 -4.31 8.95 -5.60
C ALA C 142 -5.29 9.64 -4.65
N LEU C 143 -5.39 10.93 -4.87
CA LEU C 143 -6.19 11.73 -4.01
C LEU C 143 -7.64 11.30 -4.19
N ARG C 144 -8.00 11.03 -5.42
CA ARG C 144 -9.35 10.62 -5.72
C ARG C 144 -9.69 9.40 -4.92
N GLU C 145 -8.71 8.54 -4.74
CA GLU C 145 -8.94 7.27 -4.03
C GLU C 145 -8.78 7.38 -2.49
N CYS C 146 -8.02 8.35 -1.99
CA CYS C 146 -7.78 8.49 -0.60
C CYS C 146 -8.68 9.51 0.06
N SER C 147 -9.26 10.43 -0.68
CA SER C 147 -10.10 11.39 0.00
C SER C 147 -11.24 10.84 0.85
N LYS C 148 -12.02 9.93 0.28
CA LYS C 148 -13.17 9.34 0.98
C LYS C 148 -14.10 10.33 1.62
N GLY C 149 -14.25 11.44 0.95
CA GLY C 149 -15.07 12.55 1.40
C GLY C 149 -14.43 13.57 2.30
N GLY C 150 -13.19 13.41 2.78
CA GLY C 150 -12.57 14.32 3.73
C GLY C 150 -11.72 15.36 2.99
N GLY C 151 -11.22 15.05 1.81
CA GLY C 151 -10.52 16.05 1.06
C GLY C 151 -8.99 15.92 1.11
N PHE C 152 -8.46 15.07 1.95
CA PHE C 152 -7.02 14.97 2.07
C PHE C 152 -6.52 13.64 1.65
N PHE C 153 -5.23 13.57 1.42
CA PHE C 153 -4.67 12.28 1.11
C PHE C 153 -4.85 11.47 2.32
N GLY C 154 -4.96 12.07 3.48
CA GLY C 154 -5.21 11.25 4.66
C GLY C 154 -6.67 11.07 4.98
N GLY C 155 -7.57 11.28 4.04
CA GLY C 155 -8.99 11.10 4.39
C GLY C 155 -9.57 12.39 4.97
N ASP C 156 -10.08 12.27 6.18
CA ASP C 156 -10.72 13.37 6.86
C ASP C 156 -9.72 14.29 7.55
N GLY C 157 -8.47 13.87 7.70
CA GLY C 157 -7.46 14.68 8.35
C GLY C 157 -6.20 14.72 7.52
N VAL C 158 -5.33 15.64 7.87
CA VAL C 158 -4.10 15.74 7.24
C VAL C 158 -3.20 14.59 7.54
N GLY C 159 -2.68 13.96 6.50
CA GLY C 159 -1.84 12.79 6.70
C GLY C 159 -0.45 13.07 6.16
N LEU C 160 0.35 12.05 6.28
CA LEU C 160 1.73 12.10 5.91
C LEU C 160 1.89 12.52 4.45
N VAL C 161 1.07 11.98 3.56
CA VAL C 161 1.22 12.36 2.16
C VAL C 161 0.93 13.81 1.98
N ASP C 162 -0.09 14.31 2.70
CA ASP C 162 -0.50 15.70 2.56
C ASP C 162 0.65 16.58 2.99
N VAL C 163 1.36 16.22 4.02
CA VAL C 163 2.46 17.04 4.48
C VAL C 163 3.62 16.94 3.50
N ALA C 164 3.88 15.77 2.99
CA ALA C 164 5.00 15.57 2.08
C ALA C 164 4.89 16.47 0.90
N LEU C 165 3.70 16.51 0.32
CA LEU C 165 3.42 17.39 -0.80
C LEU C 165 3.24 18.83 -0.37
N GLY C 166 2.53 19.01 0.71
CA GLY C 166 2.28 20.34 1.19
C GLY C 166 3.48 21.21 1.40
N GLY C 167 4.56 20.60 1.84
CA GLY C 167 5.76 21.37 2.07
C GLY C 167 6.31 22.07 0.85
N VAL C 168 5.94 21.60 -0.33
CA VAL C 168 6.49 22.22 -1.50
C VAL C 168 5.55 23.20 -2.12
N LEU C 169 4.46 23.51 -1.45
CA LEU C 169 3.50 24.35 -2.06
C LEU C 169 3.97 25.81 -2.22
N SER C 170 4.76 26.41 -1.30
CA SER C 170 5.22 27.74 -1.62
C SER C 170 6.11 27.69 -2.87
N TRP C 171 6.96 26.67 -2.98
CA TRP C 171 7.81 26.50 -4.17
C TRP C 171 7.03 26.32 -5.43
N MET C 172 5.92 25.62 -5.35
CA MET C 172 5.11 25.39 -6.55
C MET C 172 4.58 26.74 -7.04
N LYS C 173 4.10 27.55 -6.13
CA LYS C 173 3.66 28.86 -6.49
C LYS C 173 4.80 29.67 -7.12
N VAL C 174 5.99 29.60 -6.51
CA VAL C 174 7.08 30.36 -7.04
C VAL C 174 7.41 29.88 -8.43
N THR C 175 7.27 28.59 -8.66
CA THR C 175 7.60 28.05 -9.97
C THR C 175 6.59 28.56 -11.01
N GLU C 176 5.36 28.69 -10.60
CA GLU C 176 4.37 29.21 -11.49
C GLU C 176 4.83 30.58 -11.94
N ALA C 177 5.18 31.41 -10.97
CA ALA C 177 5.51 32.79 -11.29
C ALA C 177 6.77 32.89 -12.15
N LEU C 178 7.69 31.96 -12.02
CA LEU C 178 8.89 32.01 -12.82
C LEU C 178 8.66 31.50 -14.21
N SER C 179 7.84 30.47 -14.34
CA SER C 179 7.75 29.77 -15.59
C SER C 179 6.55 30.18 -16.41
N GLY C 180 5.48 30.64 -15.78
CA GLY C 180 4.23 30.90 -16.47
C GLY C 180 3.31 29.68 -16.39
N ASP C 181 3.77 28.57 -15.83
CA ASP C 181 3.01 27.31 -15.92
C ASP C 181 2.35 26.92 -14.60
N LYS C 182 1.12 26.48 -14.68
CA LYS C 182 0.39 26.10 -13.51
C LYS C 182 0.54 24.59 -13.18
N ILE C 183 1.25 24.29 -12.11
CA ILE C 183 1.57 22.91 -11.81
C ILE C 183 0.31 22.08 -11.51
N PHE C 184 -0.60 22.61 -10.73
CA PHE C 184 -1.79 21.84 -10.43
C PHE C 184 -2.92 22.44 -11.19
N ASP C 185 -2.78 22.68 -12.48
CA ASP C 185 -3.83 23.33 -13.25
C ASP C 185 -5.19 22.63 -13.10
N ALA C 186 -6.19 23.32 -12.60
CA ALA C 186 -7.52 22.74 -12.42
C ALA C 186 -8.12 22.04 -13.64
N ALA C 187 -7.84 22.54 -14.84
CA ALA C 187 -8.38 21.95 -16.05
C ALA C 187 -7.85 20.54 -16.29
N LYS C 188 -6.63 20.30 -15.86
CA LYS C 188 -6.04 18.98 -15.94
C LYS C 188 -6.18 18.22 -14.62
N THR C 189 -6.08 18.92 -13.48
CA THR C 189 -6.05 18.25 -12.16
C THR C 189 -6.84 19.03 -11.18
N PRO C 190 -8.13 19.01 -11.36
CA PRO C 190 -9.00 19.75 -10.48
C PRO C 190 -9.02 19.20 -9.05
N LEU C 191 -8.89 17.92 -8.80
CA LEU C 191 -8.85 17.47 -7.40
C LEU C 191 -7.61 18.09 -6.70
N LEU C 192 -6.45 18.13 -7.33
CA LEU C 192 -5.24 18.68 -6.69
C LEU C 192 -5.32 20.13 -6.56
N ALA C 193 -5.95 20.79 -7.52
CA ALA C 193 -6.01 22.25 -7.43
C ALA C 193 -6.81 22.59 -6.21
N ALA C 194 -7.88 21.85 -5.95
CA ALA C 194 -8.72 22.19 -4.82
C ALA C 194 -8.13 21.69 -3.49
N TRP C 195 -7.34 20.64 -3.51
CA TRP C 195 -6.59 20.21 -2.32
C TRP C 195 -5.60 21.33 -1.90
N VAL C 196 -4.99 21.96 -2.91
CA VAL C 196 -4.05 23.04 -2.65
C VAL C 196 -4.77 24.09 -1.85
N GLU C 197 -5.96 24.48 -2.31
CA GLU C 197 -6.65 25.55 -1.58
C GLU C 197 -7.08 25.08 -0.19
N ARG C 198 -7.47 23.83 -0.05
CA ARG C 198 -7.87 23.35 1.26
C ARG C 198 -6.67 23.35 2.21
N PHE C 199 -5.52 22.89 1.71
CA PHE C 199 -4.29 22.80 2.53
C PHE C 199 -3.76 24.14 3.04
N ILE C 200 -3.62 25.08 2.14
CA ILE C 200 -3.07 26.36 2.55
C ILE C 200 -4.00 27.08 3.49
N GLU C 201 -5.25 26.68 3.57
CA GLU C 201 -6.11 27.37 4.50
C GLU C 201 -5.97 26.81 5.92
N LEU C 202 -5.31 25.68 6.08
CA LEU C 202 -5.12 25.18 7.43
C LEU C 202 -4.29 26.11 8.31
N ASP C 203 -4.62 26.19 9.57
CA ASP C 203 -3.79 27.01 10.43
C ASP C 203 -2.33 26.56 10.46
N ALA C 204 -2.11 25.27 10.44
CA ALA C 204 -0.75 24.80 10.44
C ALA C 204 -0.01 25.32 9.18
N ALA C 205 -0.72 25.38 8.07
CA ALA C 205 -0.10 25.86 6.87
C ALA C 205 0.19 27.33 6.94
N LYS C 206 -0.73 28.06 7.57
CA LYS C 206 -0.51 29.48 7.64
C LYS C 206 0.68 29.72 8.52
N ALA C 207 0.89 28.91 9.54
CA ALA C 207 2.06 29.15 10.36
C ALA C 207 3.32 28.73 9.66
N ALA C 208 3.26 27.68 8.87
CA ALA C 208 4.44 27.06 8.38
C ALA C 208 4.91 27.42 6.98
N LEU C 209 4.01 27.61 6.03
CA LEU C 209 4.43 27.81 4.65
C LEU C 209 5.16 29.12 4.50
N PRO C 210 6.31 29.15 3.86
CA PRO C 210 6.93 30.46 3.65
C PRO C 210 6.19 31.34 2.67
N ASP C 211 6.41 32.60 2.93
CA ASP C 211 5.85 33.67 2.19
C ASP C 211 6.34 33.63 0.74
N VAL C 212 5.39 33.58 -0.15
CA VAL C 212 5.71 33.40 -1.52
C VAL C 212 6.50 34.52 -2.14
N GLY C 213 6.21 35.78 -1.79
CA GLY C 213 6.92 36.94 -2.30
C GLY C 213 8.39 36.89 -1.93
N ARG C 214 8.70 36.61 -0.68
CA ARG C 214 10.10 36.51 -0.29
C ARG C 214 10.79 35.34 -0.92
N LEU C 215 10.07 34.21 -0.95
CA LEU C 215 10.58 33.00 -1.57
C LEU C 215 10.88 33.26 -3.06
N LEU C 216 9.99 33.99 -3.73
CA LEU C 216 10.23 34.30 -5.15
C LEU C 216 11.48 35.18 -5.38
N GLU C 217 11.68 36.19 -4.52
CA GLU C 217 12.88 37.00 -4.66
C GLU C 217 14.08 36.19 -4.40
N PHE C 218 14.01 35.37 -3.39
CA PHE C 218 15.07 34.46 -3.13
C PHE C 218 15.32 33.62 -4.38
N ALA C 219 14.27 33.13 -4.99
CA ALA C 219 14.43 32.23 -6.12
C ALA C 219 15.03 32.93 -7.33
N LYS C 220 14.56 34.13 -7.62
CA LYS C 220 15.08 34.86 -8.77
C LYS C 220 16.55 35.16 -8.59
N ALA C 221 17.04 35.23 -7.37
CA ALA C 221 18.43 35.60 -7.19
C ALA C 221 19.28 34.35 -7.37
N ARG C 222 18.74 33.19 -7.06
CA ARG C 222 19.52 32.00 -7.23
C ARG C 222 19.48 31.56 -8.69
N GLU C 223 18.43 31.92 -9.39
CA GLU C 223 18.32 31.60 -10.79
C GLU C 223 19.37 32.40 -11.54
N ALA C 224 19.39 33.70 -11.25
CA ALA C 224 20.38 34.61 -11.79
C ALA C 224 21.73 33.92 -11.53
N ALA C 225 22.03 33.58 -10.29
CA ALA C 225 23.20 32.75 -10.09
C ALA C 225 22.94 31.30 -10.55
N1 GTX D . -34.42 -9.92 -4.68
CA1 GTX D . -34.96 -10.96 -3.81
C1 GTX D . -34.01 -11.06 -2.64
O11 GTX D . -34.33 -11.44 -1.51
O12 GTX D . -32.88 -10.60 -2.81
CB1 GTX D . -35.06 -12.13 -4.80
CG1 GTX D . -35.82 -13.28 -4.14
CD1 GTX D . -35.77 -14.56 -4.97
OE1 GTX D . -36.34 -14.25 -6.18
N2 GTX D . -36.74 -15.47 -4.47
CA2 GTX D . -37.34 -16.52 -5.27
C2 GTX D . -38.74 -16.77 -4.82
O2 GTX D . -39.06 -16.79 -3.60
CB2 GTX D . -36.67 -17.84 -5.03
SG2 GTX D . -34.92 -17.63 -5.39
C1S GTX D . -35.06 -17.83 -7.15
C2S GTX D . -33.88 -18.66 -7.57
C3S GTX D . -34.37 -20.11 -7.67
C4S GTX D . -34.16 -21.04 -6.47
C5S GTX D . -35.26 -22.10 -6.47
C6S GTX D . -35.87 -22.24 -5.09
N3 GTX D . -39.58 -17.00 -5.79
CA3 GTX D . -40.98 -17.32 -5.46
C3 GTX D . -41.61 -18.32 -6.44
O31 GTX D . -40.87 -18.87 -7.31
O32 GTX D . -42.83 -18.57 -6.37
S SO4 E . -38.47 -16.32 -9.17
O1 SO4 E . -39.50 -16.32 -8.13
O2 SO4 E . -37.92 -14.97 -9.39
O3 SO4 E . -39.07 -16.80 -10.43
O4 SO4 E . -37.50 -17.33 -8.80
N1 GTX F . 12.38 1.67 -5.60
CA1 GTX F . 11.94 0.33 -6.01
C1 GTX F . 12.05 -0.65 -4.83
O11 GTX F . 11.30 -1.63 -4.76
O12 GTX F . 12.89 -0.46 -3.93
CB1 GTX F . 12.89 -0.02 -7.16
CG1 GTX F . 12.39 -1.30 -7.86
CD1 GTX F . 13.11 -1.62 -9.17
OE1 GTX F . 13.56 -0.55 -9.88
N2 GTX F . 12.48 -2.47 -10.14
CA2 GTX F . 12.94 -2.73 -11.47
C2 GTX F . 11.68 -3.09 -12.25
O2 GTX F . 10.75 -3.76 -11.73
CB2 GTX F . 13.90 -3.89 -11.48
SG2 GTX F . 15.34 -3.79 -10.42
C1S GTX F . 16.54 -2.90 -11.43
C2S GTX F . 17.05 -3.76 -12.57
C3S GTX F . 17.85 -4.97 -12.11
C4S GTX F . 18.22 -5.81 -13.34
C5S GTX F . 16.97 -6.28 -14.09
C6S GTX F . 16.12 -7.15 -13.17
N3 GTX F . 11.72 -2.60 -13.48
CA3 GTX F . 10.63 -2.58 -14.44
C3 GTX F . 11.20 -2.63 -15.86
O31 GTX F . 12.47 -2.59 -16.06
O32 GTX F . 10.37 -2.65 -16.83
S SO4 G . 14.30 0.20 -14.05
O1 SO4 G . 14.69 0.95 -15.26
O2 SO4 G . 14.28 1.15 -12.95
O3 SO4 G . 15.29 -0.88 -13.97
O4 SO4 G . 12.97 -0.37 -14.16
N1 GTX H . 16.26 14.55 1.74
CA1 GTX H . 16.39 15.66 2.68
C1 GTX H . 15.14 15.86 3.53
O11 GTX H . 15.27 16.45 4.60
O12 GTX H . 14.02 15.40 3.19
CB1 GTX H . 16.75 16.83 1.74
CG1 GTX H . 17.38 18.00 2.50
CD1 GTX H . 17.61 19.25 1.61
OE1 GTX H . 18.40 18.90 0.56
N2 GTX H . 18.48 20.21 2.28
CA2 GTX H . 19.31 21.23 1.66
C2 GTX H . 20.49 21.50 2.57
O2 GTX H . 20.41 21.57 3.80
CB2 GTX H . 18.48 22.53 1.58
SG2 GTX H . 16.90 22.31 0.74
C1S GTX H . 17.56 22.59 -0.92
C2S GTX H . 16.57 23.39 -1.76
C3S GTX H . 17.00 24.85 -1.90
C4S GTX H . 16.73 25.72 -0.68
C5S GTX H . 17.97 26.57 -0.40
C6S GTX H . 17.95 27.07 1.02
N3 GTX H . 21.62 21.66 1.88
CA3 GTX H . 22.90 22.06 2.49
C3 GTX H . 23.75 23.01 1.62
O31 GTX H . 23.26 23.41 0.54
O32 GTX H . 24.89 23.39 1.99
S SO4 I . 21.54 20.63 -1.71
O1 SO4 I . 20.65 21.75 -1.95
O2 SO4 I . 22.86 20.97 -2.28
O3 SO4 I . 21.04 19.33 -2.19
O4 SO4 I . 21.76 20.52 -0.28
#